data_6LAA
#
_entry.id   6LAA
#
_cell.length_a   94.715
_cell.length_b   94.715
_cell.length_c   242.641
_cell.angle_alpha   90.000
_cell.angle_beta   90.000
_cell.angle_gamma   90.000
#
_symmetry.space_group_name_H-M   'P 43 21 2'
#
loop_
_entity.id
_entity.type
_entity.pdbx_description
1 polymer 'Cytochrome P450'
2 non-polymer 'PROTOPORPHYRIN IX CONTAINING FE'
3 non-polymer 'FE2/S2 (INORGANIC) CLUSTER'
4 non-polymer 'FLAVIN MONONUCLEOTIDE'
5 non-polymer IMIDAZOLE
6 non-polymer 'CARBONATE ION'
7 non-polymer 1,2-ETHANEDIOL
8 water water
#
_entity_poly.entity_id   1
_entity_poly.type   'polypeptide(L)'
_entity_poly.pdbx_seq_one_letter_code
;METELKETARGTCPVAHGGQSSVGGCPVHRLAEDFDPFQDAYMADPAQFVRWAREQVPIFYAPKLNYWVVTRYDTIKQIF
RDPVTFSPSNVLQSFAQPSAEVRQVLERYGYAFNRTLVNEDEPMHLERRRVLMEPFASEHLAEHEPMVRELVRRAVNRFI
DTGRADLVDQMIWEVPFTVALHFLGVDDDDREKMRRFAIAHTVNAFGRPSPEEQLAVAETVGQFWQFCGEVLEKMRRTAD
GPGWMRYSIRQQKLYPDVVTDSYLHSMMQAIIVAAHETTVFATTNALKTLLEHETVWREICADPSLIPAAAEECLRYNGP
VAGWRRRTTREVEVEGVRLPVGANILMVVASANHDSAHFDDPEFFDIGRSNASEHLNFGYGAHQCLGRNLGRMEMQIMIE
ELSRRLPHMRLAEQRFDYLHNVSFRAPRHLWVEWDPAQNPERRDPDILRLRQPVRIGPPRAKDVVRTMEVAAVERPSEDI
VVLHLTRPDRRPLPRWSPGAHIDIECGEPDRSRQYSLCSDPENRDAWRVAVQRDPASRGGSRWIHEEVRPGMLLRVRGPR
NSFRLDEHAPRYLFLAGGIGITPIMTMAARAKELGTDYELHYSVRSRTSLIFVDELRQIHGDRLHVYVSEEGVRNDLAAL
IRRASAGTQIYACGPQRMLDTLERLIENRPEVTLRVEHFFGEPSHLDPAKERPFQVVLRNSGLTVEVPADKTLLEVLRAY
NIEVQSDCEEGLCGTCEVSVVEGEVDHRDSVLTRAERRENRRMMCCCSRAKTERLVLDL
;
_entity_poly.pdbx_strand_id   A
#
# COMPACT_ATOMS: atom_id res chain seq x y z
N PRO A 27 13.07 -29.29 -2.32
CA PRO A 27 13.83 -29.11 -3.57
C PRO A 27 13.42 -27.84 -4.32
N VAL A 28 14.01 -26.70 -3.94
CA VAL A 28 13.65 -25.43 -4.57
C VAL A 28 14.05 -25.38 -6.05
N HIS A 29 14.99 -26.21 -6.49
CA HIS A 29 15.31 -26.21 -7.91
C HIS A 29 14.22 -26.91 -8.71
N ARG A 30 13.63 -27.96 -8.14
CA ARG A 30 12.48 -28.64 -8.72
C ARG A 30 11.26 -27.75 -8.85
N LEU A 31 10.96 -26.96 -7.80
CA LEU A 31 9.80 -26.08 -7.83
C LEU A 31 9.92 -25.07 -8.96
N ALA A 32 11.11 -24.52 -9.18
CA ALA A 32 11.37 -23.67 -10.34
C ALA A 32 11.13 -24.40 -11.66
N GLU A 33 11.68 -25.61 -11.81
CA GLU A 33 11.46 -26.40 -13.01
C GLU A 33 9.97 -26.56 -13.31
N ASP A 34 9.17 -26.90 -12.30
CA ASP A 34 7.76 -27.24 -12.44
C ASP A 34 6.82 -26.04 -12.47
N PHE A 35 7.33 -24.82 -12.22
CA PHE A 35 6.47 -23.67 -12.00
C PHE A 35 5.52 -23.46 -13.17
N ASP A 36 4.23 -23.34 -12.86
CA ASP A 36 3.21 -23.20 -13.90
C ASP A 36 2.01 -22.50 -13.29
N PRO A 37 1.80 -21.22 -13.58
CA PRO A 37 0.74 -20.46 -12.89
C PRO A 37 -0.65 -20.82 -13.38
N PHE A 38 -0.79 -21.52 -14.52
CA PHE A 38 -2.10 -21.79 -15.11
C PHE A 38 -2.75 -22.99 -14.42
N GLN A 39 -3.07 -22.81 -13.13
CA GLN A 39 -3.70 -23.85 -12.33
C GLN A 39 -4.34 -23.24 -11.11
N ASP A 40 -5.29 -23.99 -10.54
CA ASP A 40 -6.16 -23.45 -9.50
C ASP A 40 -5.33 -22.95 -8.33
N ALA A 41 -4.25 -23.64 -7.98
CA ALA A 41 -3.51 -23.27 -6.77
C ALA A 41 -2.94 -21.86 -6.88
N TYR A 42 -2.50 -21.46 -8.08
CA TYR A 42 -1.97 -20.12 -8.20
C TYR A 42 -3.10 -19.09 -8.35
N MET A 43 -4.20 -19.46 -9.00
CA MET A 43 -5.35 -18.53 -9.04
C MET A 43 -5.89 -18.28 -7.65
N ALA A 44 -5.96 -19.32 -6.82
CA ALA A 44 -6.63 -19.19 -5.54
C ALA A 44 -5.79 -18.41 -4.55
N ASP A 45 -4.49 -18.69 -4.47
CA ASP A 45 -3.62 -18.06 -3.46
C ASP A 45 -2.21 -17.94 -4.01
N PRO A 46 -1.98 -17.01 -4.93
CA PRO A 46 -0.66 -16.93 -5.56
C PRO A 46 0.45 -16.58 -4.59
N ALA A 47 0.18 -15.78 -3.55
CA ALA A 47 1.22 -15.50 -2.56
C ALA A 47 1.65 -16.76 -1.81
N GLN A 48 0.71 -17.63 -1.45
CA GLN A 48 1.13 -18.89 -0.85
C GLN A 48 1.83 -19.76 -1.89
N PHE A 49 1.32 -19.76 -3.12
CA PHE A 49 1.88 -20.62 -4.15
C PHE A 49 3.36 -20.35 -4.36
N VAL A 50 3.79 -19.09 -4.28
CA VAL A 50 5.21 -18.80 -4.47
C VAL A 50 5.90 -18.43 -3.15
N ARG A 51 5.32 -18.81 -2.01
CA ARG A 51 5.93 -18.46 -0.73
C ARG A 51 7.37 -18.97 -0.64
N TRP A 52 7.61 -20.19 -1.16
CA TRP A 52 8.95 -20.76 -1.11
C TRP A 52 9.95 -19.85 -1.82
N ALA A 53 9.54 -19.25 -2.93
CA ALA A 53 10.46 -18.39 -3.68
C ALA A 53 10.62 -17.02 -3.01
N ARG A 54 9.52 -16.43 -2.56
CA ARG A 54 9.62 -15.17 -1.84
C ARG A 54 10.59 -15.29 -0.68
N GLU A 55 10.55 -16.44 -0.02
CA GLU A 55 11.37 -16.63 1.16
C GLU A 55 12.82 -16.96 0.78
N GLN A 56 13.05 -17.85 -0.19
CA GLN A 56 14.38 -18.41 -0.42
C GLN A 56 14.98 -18.20 -1.81
N VAL A 57 14.17 -17.97 -2.84
CA VAL A 57 14.65 -17.87 -4.21
C VAL A 57 14.01 -16.66 -4.86
N PRO A 58 14.50 -15.45 -4.58
CA PRO A 58 13.80 -14.23 -5.02
C PRO A 58 13.78 -14.03 -6.52
N ILE A 59 14.54 -14.80 -7.28
CA ILE A 59 14.41 -14.85 -8.73
C ILE A 59 14.72 -16.26 -9.18
N PHE A 60 13.91 -16.77 -10.10
CA PHE A 60 14.21 -18.04 -10.73
C PHE A 60 13.66 -17.98 -12.15
N TYR A 61 14.17 -18.90 -12.98
CA TYR A 61 13.76 -19.04 -14.36
C TYR A 61 12.72 -20.15 -14.46
N ALA A 62 11.60 -19.88 -15.11
CA ALA A 62 10.50 -20.84 -15.20
C ALA A 62 10.43 -21.38 -16.62
N PRO A 63 10.99 -22.58 -16.87
CA PRO A 63 11.10 -23.02 -18.27
C PRO A 63 9.78 -23.28 -18.94
N LYS A 64 8.76 -23.70 -18.19
CA LYS A 64 7.45 -23.88 -18.82
C LYS A 64 6.86 -22.58 -19.35
N LEU A 65 7.37 -21.44 -18.93
CA LEU A 65 6.90 -20.15 -19.42
C LEU A 65 7.93 -19.41 -20.26
N ASN A 66 9.22 -19.76 -20.15
CA ASN A 66 10.33 -18.91 -20.61
C ASN A 66 10.31 -17.54 -19.92
N TYR A 67 10.01 -17.51 -18.62
CA TYR A 67 10.02 -16.27 -17.86
C TYR A 67 10.90 -16.38 -16.62
N TRP A 68 11.46 -15.24 -16.25
CA TRP A 68 12.04 -15.07 -14.93
C TRP A 68 10.97 -14.56 -13.96
N VAL A 69 10.86 -15.19 -12.79
CA VAL A 69 9.80 -14.91 -11.82
C VAL A 69 10.40 -14.23 -10.60
N VAL A 70 9.94 -13.02 -10.27
CA VAL A 70 10.41 -12.31 -9.08
C VAL A 70 9.23 -12.09 -8.15
N THR A 71 9.53 -12.09 -6.83
CA THR A 71 8.55 -12.26 -5.76
C THR A 71 8.65 -11.33 -4.56
N ARG A 72 9.67 -10.49 -4.44
CA ARG A 72 9.82 -9.60 -3.29
C ARG A 72 9.39 -8.17 -3.62
N TYR A 73 8.87 -7.49 -2.62
CA TYR A 73 8.33 -6.13 -2.77
C TYR A 73 9.38 -5.14 -3.30
N ASP A 74 10.55 -5.09 -2.68
CA ASP A 74 11.54 -4.07 -3.09
C ASP A 74 11.92 -4.23 -4.56
N THR A 75 12.21 -5.45 -4.98
CA THR A 75 12.60 -5.75 -6.38
C THR A 75 11.49 -5.33 -7.34
N ILE A 76 10.25 -5.66 -7.03
CA ILE A 76 9.12 -5.34 -7.93
C ILE A 76 8.90 -3.84 -7.96
N LYS A 77 9.01 -3.17 -6.83
CA LYS A 77 8.82 -1.71 -6.84
C LYS A 77 9.90 -1.08 -7.72
N GLN A 78 11.14 -1.48 -7.58
CA GLN A 78 12.23 -0.90 -8.41
C GLN A 78 11.92 -1.12 -9.89
N ILE A 79 11.50 -2.32 -10.26
CA ILE A 79 11.18 -2.60 -11.69
C ILE A 79 10.09 -1.65 -12.17
N PHE A 80 9.06 -1.43 -11.37
CA PHE A 80 8.01 -0.48 -11.76
C PHE A 80 8.57 0.93 -11.95
N ARG A 81 9.61 1.30 -11.17
CA ARG A 81 10.15 2.67 -11.24
C ARG A 81 10.87 2.96 -12.54
N ASP A 82 11.30 1.92 -13.27
CA ASP A 82 12.21 2.03 -14.42
C ASP A 82 11.62 1.39 -15.67
N PRO A 83 10.64 2.04 -16.31
CA PRO A 83 10.06 1.51 -17.56
C PRO A 83 10.96 1.62 -18.78
N VAL A 84 12.05 2.37 -18.72
CA VAL A 84 13.00 2.38 -19.84
C VAL A 84 13.76 1.07 -19.85
N THR A 85 14.27 0.65 -18.70
CA THR A 85 14.94 -0.64 -18.63
C THR A 85 13.94 -1.78 -18.69
N PHE A 86 12.78 -1.64 -18.06
CA PHE A 86 11.86 -2.76 -17.87
C PHE A 86 10.58 -2.37 -18.58
N SER A 87 10.51 -2.71 -19.85
CA SER A 87 9.47 -2.29 -20.77
C SER A 87 8.17 -3.06 -20.49
N PRO A 88 7.02 -2.41 -20.61
CA PRO A 88 5.76 -3.10 -20.41
C PRO A 88 5.24 -3.67 -21.71
N SER A 89 6.13 -3.96 -22.67
CA SER A 89 5.69 -4.35 -24.01
C SER A 89 4.98 -5.69 -24.00
N ASN A 90 5.34 -6.61 -23.08
CA ASN A 90 4.75 -7.95 -23.04
C ASN A 90 3.56 -8.04 -22.09
N VAL A 91 3.04 -6.91 -21.59
CA VAL A 91 1.98 -6.92 -20.58
C VAL A 91 0.73 -7.63 -21.09
N LEU A 92 0.37 -7.41 -22.35
CA LEU A 92 -0.83 -7.98 -22.95
C LEU A 92 -0.50 -9.11 -23.93
N GLN A 93 0.65 -9.79 -23.76
CA GLN A 93 1.10 -10.74 -24.78
C GLN A 93 0.64 -12.17 -24.51
N SER A 94 0.06 -12.80 -25.53
CA SER A 94 -0.49 -14.13 -25.38
C SER A 94 0.61 -15.16 -25.10
N PHE A 95 0.28 -16.14 -24.27
CA PHE A 95 1.19 -17.25 -23.97
C PHE A 95 1.06 -18.43 -24.95
N ALA A 96 0.44 -18.23 -26.12
CA ALA A 96 0.28 -19.30 -27.11
C ALA A 96 1.34 -19.15 -28.21
N GLN A 97 1.13 -19.82 -29.37
CA GLN A 97 2.03 -19.85 -30.53
C GLN A 97 2.26 -18.51 -31.25
N PRO A 98 1.30 -17.93 -32.05
CA PRO A 98 0.03 -18.31 -32.68
C PRO A 98 0.23 -19.13 -33.96
N SER A 99 -0.62 -20.15 -34.15
CA SER A 99 -0.57 -20.93 -35.36
C SER A 99 -0.87 -20.06 -36.57
N ALA A 100 -0.53 -20.57 -37.74
CA ALA A 100 -0.88 -19.85 -38.94
C ALA A 100 -2.38 -19.83 -39.13
N GLU A 101 -3.06 -20.88 -38.66
CA GLU A 101 -4.52 -20.88 -38.67
C GLU A 101 -5.08 -19.79 -37.78
N VAL A 102 -4.54 -19.64 -36.56
CA VAL A 102 -5.00 -18.55 -35.69
C VAL A 102 -4.75 -17.20 -36.36
N ARG A 103 -3.55 -17.02 -36.93
CA ARG A 103 -3.24 -15.76 -37.62
C ARG A 103 -4.25 -15.47 -38.70
N GLN A 104 -4.64 -16.51 -39.41
CA GLN A 104 -5.53 -16.41 -40.55
C GLN A 104 -6.94 -16.08 -40.10
N VAL A 105 -7.37 -16.65 -38.98
CA VAL A 105 -8.65 -16.25 -38.43
C VAL A 105 -8.60 -14.77 -38.07
N LEU A 106 -7.55 -14.38 -37.33
CA LEU A 106 -7.40 -12.99 -36.93
C LEU A 106 -7.32 -12.06 -38.16
N GLU A 107 -6.56 -12.46 -39.19
CA GLU A 107 -6.40 -11.59 -40.36
C GLU A 107 -7.72 -11.31 -41.08
N ARG A 108 -8.66 -12.24 -41.02
CA ARG A 108 -9.98 -12.06 -41.59
C ARG A 108 -10.69 -10.83 -41.02
N TYR A 109 -10.44 -10.49 -39.76
CA TYR A 109 -11.07 -9.30 -39.20
C TYR A 109 -10.14 -8.08 -39.23
N GLY A 110 -8.99 -8.20 -39.88
CA GLY A 110 -8.00 -7.15 -39.85
C GLY A 110 -7.44 -6.87 -38.47
N TYR A 111 -7.42 -7.88 -37.59
CA TYR A 111 -6.98 -7.68 -36.22
C TYR A 111 -5.59 -7.07 -36.19
N ALA A 112 -5.45 -5.94 -35.49
CA ALA A 112 -4.16 -5.29 -35.47
C ALA A 112 -3.90 -4.68 -34.09
N PHE A 113 -4.24 -5.41 -33.03
CA PHE A 113 -4.14 -4.83 -31.69
C PHE A 113 -2.67 -4.55 -31.40
N ASN A 114 -2.37 -3.34 -30.98
CA ASN A 114 -0.97 -2.92 -30.90
C ASN A 114 -0.64 -2.42 -29.48
N ARG A 115 -0.45 -1.12 -29.31
CA ARG A 115 -0.10 -0.53 -28.02
C ARG A 115 -1.27 0.28 -27.49
N THR A 116 -1.51 0.19 -26.18
CA THR A 116 -2.54 1.03 -25.58
C THR A 116 -1.88 2.09 -24.69
N LEU A 117 -2.22 2.14 -23.41
CA LEU A 117 -1.39 2.84 -22.44
C LEU A 117 -0.58 1.89 -21.60
N VAL A 118 -1.23 0.85 -21.07
CA VAL A 118 -0.57 -0.04 -20.12
C VAL A 118 0.64 -0.73 -20.74
N ASN A 119 0.65 -0.96 -22.06
CA ASN A 119 1.80 -1.66 -22.65
C ASN A 119 2.67 -0.77 -23.52
N GLU A 120 2.51 0.54 -23.45
CA GLU A 120 3.24 1.46 -24.32
C GLU A 120 4.60 1.84 -23.70
N ASP A 121 5.62 1.95 -24.56
CA ASP A 121 6.99 2.28 -24.20
C ASP A 121 7.18 3.80 -24.00
N GLU A 122 8.25 4.18 -23.25
CA GLU A 122 8.60 5.61 -23.23
C GLU A 122 9.38 5.98 -24.51
N PRO A 123 9.40 7.27 -24.88
CA PRO A 123 8.75 8.40 -24.20
C PRO A 123 7.31 8.60 -24.64
N MET A 124 6.88 7.79 -25.61
CA MET A 124 5.52 7.94 -26.13
C MET A 124 4.46 7.74 -25.02
N HIS A 125 4.69 6.80 -24.10
CA HIS A 125 3.66 6.52 -23.09
C HIS A 125 3.33 7.76 -22.25
N LEU A 126 4.35 8.34 -21.61
CA LEU A 126 4.11 9.48 -20.74
C LEU A 126 3.46 10.63 -21.49
N GLU A 127 3.81 10.83 -22.76
CA GLU A 127 3.19 11.93 -23.49
C GLU A 127 1.71 11.65 -23.75
N ARG A 128 1.37 10.40 -24.06
CA ARG A 128 -0.04 10.08 -24.30
C ARG A 128 -0.84 10.09 -23.00
N ARG A 129 -0.23 9.61 -21.92
CA ARG A 129 -0.90 9.70 -20.62
C ARG A 129 -1.20 11.15 -20.29
N ARG A 130 -0.19 12.04 -20.46
CA ARG A 130 -0.39 13.47 -20.17
C ARG A 130 -1.53 14.03 -20.99
N VAL A 131 -1.59 13.67 -22.28
CA VAL A 131 -2.65 14.18 -23.15
C VAL A 131 -4.03 13.62 -22.79
N LEU A 132 -4.08 12.40 -22.25
CA LEU A 132 -5.38 11.76 -22.09
C LEU A 132 -5.88 11.65 -20.64
N MET A 133 -5.09 12.06 -19.63
CA MET A 133 -5.42 11.74 -18.23
C MET A 133 -6.42 12.67 -17.57
N GLU A 134 -6.68 13.84 -18.12
CA GLU A 134 -7.52 14.80 -17.40
C GLU A 134 -8.90 14.29 -16.98
N PRO A 135 -9.66 13.53 -17.79
CA PRO A 135 -10.98 13.08 -17.33
C PRO A 135 -10.93 12.13 -16.14
N PHE A 136 -9.76 11.61 -15.78
CA PHE A 136 -9.60 10.79 -14.58
C PHE A 136 -9.38 11.61 -13.32
N ALA A 137 -9.55 12.93 -13.36
CA ALA A 137 -9.31 13.76 -12.18
C ALA A 137 -10.35 13.50 -11.09
N SER A 138 -9.95 13.76 -9.85
CA SER A 138 -10.79 13.55 -8.67
C SER A 138 -12.19 14.13 -8.83
N GLU A 139 -12.30 15.36 -9.32
CA GLU A 139 -13.60 16.02 -9.36
C GLU A 139 -14.50 15.38 -10.39
N HIS A 140 -13.91 14.85 -11.46
CA HIS A 140 -14.73 14.12 -12.40
C HIS A 140 -15.15 12.78 -11.80
N LEU A 141 -14.23 12.09 -11.14
CA LEU A 141 -14.57 10.76 -10.66
C LEU A 141 -15.60 10.86 -9.54
N ALA A 142 -15.51 11.88 -8.71
CA ALA A 142 -16.51 12.07 -7.67
C ALA A 142 -17.90 12.33 -8.24
N GLU A 143 -18.03 12.76 -9.49
CA GLU A 143 -19.36 12.97 -10.03
C GLU A 143 -20.09 11.66 -10.31
N HIS A 144 -19.40 10.51 -10.30
CA HIS A 144 -20.04 9.22 -10.50
C HIS A 144 -20.60 8.64 -9.21
N GLU A 145 -20.31 9.22 -8.06
CA GLU A 145 -20.88 8.70 -6.81
C GLU A 145 -22.40 8.50 -6.87
N PRO A 146 -23.20 9.48 -7.28
CA PRO A 146 -24.67 9.25 -7.27
C PRO A 146 -25.08 8.05 -8.09
N MET A 147 -24.49 7.89 -9.27
CA MET A 147 -24.77 6.72 -10.11
C MET A 147 -24.42 5.40 -9.41
N VAL A 148 -23.24 5.32 -8.79
CA VAL A 148 -22.84 4.09 -8.10
C VAL A 148 -23.82 3.78 -6.99
N ARG A 149 -24.22 4.80 -6.22
CA ARG A 149 -25.12 4.56 -5.10
C ARG A 149 -26.47 4.09 -5.59
N GLU A 150 -26.98 4.67 -6.69
CA GLU A 150 -28.28 4.29 -7.17
C GLU A 150 -28.27 2.83 -7.67
N LEU A 151 -27.21 2.45 -8.37
CA LEU A 151 -27.14 1.10 -8.94
C LEU A 151 -27.00 0.05 -7.85
N VAL A 152 -26.24 0.36 -6.80
CA VAL A 152 -26.06 -0.56 -5.70
C VAL A 152 -27.37 -0.73 -4.96
N ARG A 153 -28.11 0.37 -4.77
CA ARG A 153 -29.40 0.29 -4.09
C ARG A 153 -30.39 -0.56 -4.89
N ARG A 154 -30.49 -0.30 -6.20
CA ARG A 154 -31.30 -1.13 -7.09
C ARG A 154 -30.95 -2.60 -6.97
N ALA A 155 -29.66 -2.92 -7.03
CA ALA A 155 -29.26 -4.32 -7.03
C ALA A 155 -29.70 -5.04 -5.76
N VAL A 156 -29.46 -4.42 -4.60
CA VAL A 156 -29.74 -5.10 -3.34
C VAL A 156 -31.25 -5.16 -3.08
N ASN A 157 -31.99 -4.13 -3.50
CA ASN A 157 -33.45 -4.21 -3.46
C ASN A 157 -34.02 -5.46 -4.16
N ARG A 158 -33.35 -5.98 -5.19
CA ARG A 158 -33.97 -7.09 -5.91
C ARG A 158 -34.03 -8.35 -5.06
N PHE A 159 -32.98 -8.61 -4.31
CA PHE A 159 -32.76 -9.91 -3.68
C PHE A 159 -32.74 -9.89 -2.16
N ILE A 160 -32.98 -8.72 -1.54
CA ILE A 160 -32.88 -8.55 -0.09
C ILE A 160 -33.79 -9.53 0.67
N ASP A 161 -34.91 -9.92 0.07
CA ASP A 161 -35.85 -10.75 0.80
C ASP A 161 -35.76 -12.21 0.49
N THR A 162 -34.80 -12.62 -0.36
CA THR A 162 -34.77 -14.00 -0.82
C THR A 162 -34.10 -14.92 0.19
N GLY A 163 -33.00 -14.48 0.78
CA GLY A 163 -32.32 -15.33 1.75
C GLY A 163 -31.18 -16.10 1.16
N ARG A 164 -30.93 -15.96 -0.14
CA ARG A 164 -29.82 -16.62 -0.81
C ARG A 164 -29.51 -15.80 -2.05
N ALA A 165 -28.24 -15.62 -2.39
CA ALA A 165 -27.94 -14.83 -3.59
C ALA A 165 -26.51 -15.06 -4.01
N ASP A 166 -26.25 -14.89 -5.30
CA ASP A 166 -24.89 -14.89 -5.81
C ASP A 166 -24.52 -13.42 -5.94
N LEU A 167 -23.59 -12.94 -5.12
CA LEU A 167 -23.32 -11.50 -5.12
C LEU A 167 -22.68 -11.04 -6.41
N VAL A 168 -21.98 -11.92 -7.14
CA VAL A 168 -21.36 -11.50 -8.40
C VAL A 168 -22.43 -11.25 -9.45
N ASP A 169 -23.22 -12.30 -9.81
CA ASP A 169 -24.21 -12.11 -10.89
C ASP A 169 -25.34 -11.23 -10.46
N GLN A 170 -25.52 -10.97 -9.17
CA GLN A 170 -26.65 -10.12 -8.77
C GLN A 170 -26.24 -8.68 -8.56
N MET A 171 -24.96 -8.39 -8.40
CA MET A 171 -24.63 -6.98 -8.15
C MET A 171 -23.21 -6.58 -8.54
N ILE A 172 -22.23 -7.38 -8.14
CA ILE A 172 -20.86 -6.92 -8.18
C ILE A 172 -20.37 -6.82 -9.62
N TRP A 173 -20.83 -7.69 -10.52
CA TRP A 173 -20.39 -7.55 -11.91
C TRP A 173 -21.03 -6.33 -12.57
N GLU A 174 -22.34 -6.12 -12.34
CA GLU A 174 -23.08 -5.15 -13.13
C GLU A 174 -22.76 -3.71 -12.75
N VAL A 175 -22.42 -3.46 -11.47
CA VAL A 175 -22.25 -2.06 -11.06
C VAL A 175 -21.01 -1.48 -11.76
N PRO A 176 -19.81 -2.07 -11.65
CA PRO A 176 -18.68 -1.51 -12.41
C PRO A 176 -18.86 -1.59 -13.91
N PHE A 177 -19.50 -2.65 -14.43
CA PHE A 177 -19.72 -2.69 -15.88
C PHE A 177 -20.52 -1.49 -16.35
N THR A 178 -21.63 -1.21 -15.67
CA THR A 178 -22.50 -0.10 -16.08
C THR A 178 -21.77 1.22 -15.98
N VAL A 179 -21.04 1.42 -14.87
CA VAL A 179 -20.28 2.66 -14.66
C VAL A 179 -19.23 2.82 -15.75
N ALA A 180 -18.49 1.74 -16.05
CA ALA A 180 -17.41 1.80 -17.03
C ALA A 180 -17.93 2.20 -18.41
N LEU A 181 -19.00 1.58 -18.90
CA LEU A 181 -19.47 1.94 -20.23
C LEU A 181 -19.99 3.37 -20.25
N HIS A 182 -20.51 3.86 -19.14
CA HIS A 182 -20.96 5.24 -19.08
C HIS A 182 -19.78 6.21 -19.07
N PHE A 183 -18.73 5.90 -18.30
CA PHE A 183 -17.51 6.67 -18.34
C PHE A 183 -16.93 6.73 -19.74
N LEU A 184 -17.03 5.63 -20.49
CA LEU A 184 -16.44 5.52 -21.81
C LEU A 184 -17.32 6.08 -22.92
N GLY A 185 -18.60 6.35 -22.64
CA GLY A 185 -19.53 6.75 -23.69
C GLY A 185 -19.98 5.64 -24.63
N VAL A 186 -19.81 4.34 -24.26
CA VAL A 186 -20.23 3.21 -25.10
C VAL A 186 -21.70 2.89 -24.81
N ASP A 187 -22.52 2.75 -25.86
CA ASP A 187 -23.90 2.32 -25.67
C ASP A 187 -23.97 0.93 -25.04
N ASP A 188 -24.86 0.79 -24.08
CA ASP A 188 -24.95 -0.39 -23.21
C ASP A 188 -26.25 -1.12 -23.52
N ASP A 189 -26.22 -2.03 -24.50
CA ASP A 189 -27.45 -2.68 -24.96
C ASP A 189 -27.26 -4.16 -25.32
N ASP A 190 -26.11 -4.75 -25.08
CA ASP A 190 -25.96 -6.15 -25.45
C ASP A 190 -24.90 -6.75 -24.52
N ARG A 191 -25.34 -7.03 -23.29
CA ARG A 191 -24.38 -7.40 -22.26
C ARG A 191 -23.86 -8.81 -22.47
N GLU A 192 -24.68 -9.69 -23.01
CA GLU A 192 -24.21 -11.05 -23.30
C GLU A 192 -23.06 -11.04 -24.31
N LYS A 193 -23.17 -10.21 -25.36
CA LYS A 193 -22.09 -10.06 -26.32
C LYS A 193 -20.83 -9.42 -25.69
N MET A 194 -21.01 -8.33 -24.93
CA MET A 194 -19.88 -7.69 -24.25
C MET A 194 -19.16 -8.68 -23.34
N ARG A 195 -19.92 -9.44 -22.52
CA ARG A 195 -19.30 -10.45 -21.64
C ARG A 195 -18.51 -11.46 -22.44
N ARG A 196 -19.11 -11.98 -23.50
CA ARG A 196 -18.41 -12.89 -24.39
C ARG A 196 -17.12 -12.26 -24.89
N PHE A 197 -17.22 -11.01 -25.36
CA PHE A 197 -16.02 -10.32 -25.86
C PHE A 197 -14.95 -10.19 -24.77
N ALA A 198 -15.36 -9.85 -23.54
CA ALA A 198 -14.39 -9.56 -22.47
C ALA A 198 -13.66 -10.84 -22.06
N ILE A 199 -14.39 -11.96 -21.99
CA ILE A 199 -13.73 -13.22 -21.63
C ILE A 199 -12.66 -13.56 -22.66
N ALA A 200 -12.96 -13.39 -23.95
CA ALA A 200 -12.01 -13.80 -24.98
C ALA A 200 -10.77 -12.91 -24.99
N HIS A 201 -10.99 -11.59 -24.90
CA HIS A 201 -9.88 -10.65 -24.75
C HIS A 201 -8.98 -11.06 -23.59
N THR A 202 -9.58 -11.37 -22.44
CA THR A 202 -8.79 -11.72 -21.26
C THR A 202 -8.02 -13.01 -21.47
N VAL A 203 -8.68 -14.03 -21.98
CA VAL A 203 -7.98 -15.27 -22.27
C VAL A 203 -6.83 -15.01 -23.25
N ASN A 204 -7.09 -14.24 -24.29
CA ASN A 204 -6.10 -13.96 -25.33
C ASN A 204 -4.89 -13.22 -24.77
N ALA A 205 -5.11 -12.31 -23.82
CA ALA A 205 -4.07 -11.42 -23.32
C ALA A 205 -3.27 -12.04 -22.18
N PHE A 206 -3.94 -12.75 -21.28
CA PHE A 206 -3.31 -13.22 -20.08
C PHE A 206 -3.38 -14.72 -19.89
N GLY A 207 -4.13 -15.43 -20.74
CA GLY A 207 -4.38 -16.83 -20.53
C GLY A 207 -3.48 -17.69 -21.40
N ARG A 208 -3.69 -19.00 -21.25
CA ARG A 208 -2.99 -19.99 -22.07
C ARG A 208 -4.05 -20.99 -22.54
N PRO A 209 -4.86 -20.60 -23.52
CA PRO A 209 -5.84 -21.55 -24.07
C PRO A 209 -5.14 -22.74 -24.70
N SER A 210 -5.63 -23.96 -24.40
CA SER A 210 -5.13 -25.16 -25.07
C SER A 210 -5.35 -25.09 -26.59
N PRO A 211 -4.54 -25.80 -27.39
CA PRO A 211 -4.65 -25.67 -28.86
C PRO A 211 -6.04 -25.97 -29.44
N GLU A 212 -6.76 -26.96 -28.90
CA GLU A 212 -8.09 -27.32 -29.40
C GLU A 212 -9.12 -26.23 -29.17
N GLU A 213 -8.74 -25.19 -28.42
CA GLU A 213 -9.61 -24.08 -28.10
C GLU A 213 -9.20 -22.74 -28.73
N GLN A 214 -8.00 -22.63 -29.32
CA GLN A 214 -7.48 -21.32 -29.74
C GLN A 214 -8.21 -20.73 -30.93
N LEU A 215 -8.76 -21.55 -31.81
CA LEU A 215 -9.40 -20.99 -33.00
C LEU A 215 -10.73 -20.33 -32.65
N ALA A 216 -11.46 -20.91 -31.73
CA ALA A 216 -12.70 -20.30 -31.28
C ALA A 216 -12.44 -19.00 -30.51
N VAL A 217 -11.36 -18.97 -29.72
CA VAL A 217 -11.00 -17.76 -29.01
C VAL A 217 -10.61 -16.66 -30.00
N ALA A 218 -9.76 -17.00 -30.98
CA ALA A 218 -9.36 -16.06 -32.01
C ALA A 218 -10.56 -15.50 -32.76
N GLU A 219 -11.56 -16.32 -33.02
CA GLU A 219 -12.71 -15.80 -33.74
C GLU A 219 -13.42 -14.73 -32.91
N THR A 220 -13.65 -14.99 -31.63
CA THR A 220 -14.35 -14.01 -30.79
C THR A 220 -13.51 -12.73 -30.62
N VAL A 221 -12.20 -12.87 -30.47
CA VAL A 221 -11.33 -11.69 -30.43
C VAL A 221 -11.50 -10.86 -31.70
N GLY A 222 -11.49 -11.51 -32.88
CA GLY A 222 -11.68 -10.75 -34.12
C GLY A 222 -12.99 -9.99 -34.14
N GLN A 223 -14.06 -10.66 -33.73
CA GLN A 223 -15.37 -10.00 -33.66
C GLN A 223 -15.33 -8.82 -32.71
N PHE A 224 -14.54 -8.91 -31.63
CA PHE A 224 -14.48 -7.81 -30.66
C PHE A 224 -13.78 -6.62 -31.29
N TRP A 225 -12.67 -6.90 -31.97
CA TRP A 225 -11.92 -5.88 -32.70
C TRP A 225 -12.79 -5.15 -33.70
N GLN A 226 -13.56 -5.90 -34.50
CA GLN A 226 -14.39 -5.21 -35.48
C GLN A 226 -15.55 -4.49 -34.80
N PHE A 227 -16.12 -5.04 -33.73
CA PHE A 227 -17.13 -4.29 -32.99
C PHE A 227 -16.53 -2.97 -32.46
N CYS A 228 -15.29 -3.00 -31.96
CA CYS A 228 -14.69 -1.74 -31.53
C CYS A 228 -14.47 -0.77 -32.68
N GLY A 229 -14.14 -1.29 -33.88
CA GLY A 229 -14.07 -0.44 -35.07
C GLY A 229 -15.37 0.29 -35.32
N GLU A 230 -16.49 -0.42 -35.23
CA GLU A 230 -17.79 0.21 -35.40
C GLU A 230 -18.05 1.25 -34.34
N VAL A 231 -17.85 0.89 -33.06
CA VAL A 231 -18.09 1.88 -32.01
C VAL A 231 -17.26 3.14 -32.30
N LEU A 232 -15.98 2.95 -32.62
CA LEU A 232 -15.09 4.10 -32.84
C LEU A 232 -15.59 4.97 -33.98
N GLU A 233 -16.10 4.34 -35.06
CA GLU A 233 -16.59 5.09 -36.20
C GLU A 233 -17.87 5.84 -35.85
N LYS A 234 -18.75 5.24 -35.04
CA LYS A 234 -19.91 6.01 -34.60
C LYS A 234 -19.49 7.16 -33.69
N MET A 235 -18.39 7.00 -32.95
CA MET A 235 -17.99 8.06 -32.04
C MET A 235 -17.35 9.20 -32.82
N ARG A 236 -16.59 8.87 -33.87
CA ARG A 236 -15.99 9.91 -34.70
C ARG A 236 -17.05 10.82 -35.29
N ARG A 237 -18.24 10.31 -35.55
CA ARG A 237 -19.30 11.15 -36.10
C ARG A 237 -20.13 11.80 -35.03
N THR A 238 -19.77 11.63 -33.75
CA THR A 238 -20.45 12.31 -32.65
C THR A 238 -19.41 12.79 -31.65
N ALA A 239 -18.28 13.30 -32.14
CA ALA A 239 -17.12 13.48 -31.29
C ALA A 239 -17.33 14.52 -30.19
N ASP A 240 -18.45 15.25 -30.19
CA ASP A 240 -18.74 16.17 -29.11
C ASP A 240 -19.61 15.54 -28.03
N GLY A 241 -20.04 14.29 -28.20
CA GLY A 241 -20.79 13.59 -27.19
C GLY A 241 -19.94 13.27 -25.96
N PRO A 242 -20.50 12.52 -25.01
CA PRO A 242 -19.82 12.28 -23.74
C PRO A 242 -18.85 11.10 -23.76
N GLY A 243 -18.02 11.06 -22.73
CA GLY A 243 -17.20 9.89 -22.51
C GLY A 243 -15.75 10.10 -22.92
N TRP A 244 -14.91 9.24 -22.37
CA TRP A 244 -13.47 9.40 -22.50
C TRP A 244 -12.99 9.07 -23.90
N MET A 245 -13.70 8.20 -24.63
CA MET A 245 -13.21 7.86 -25.97
C MET A 245 -13.47 9.01 -26.96
N ARG A 246 -14.64 9.62 -26.91
CA ARG A 246 -14.86 10.83 -27.72
C ARG A 246 -13.87 11.91 -27.35
N TYR A 247 -13.53 12.04 -26.07
CA TYR A 247 -12.55 13.03 -25.70
C TYR A 247 -11.19 12.67 -26.26
N SER A 248 -10.88 11.38 -26.32
CA SER A 248 -9.60 11.03 -26.92
C SER A 248 -9.63 11.29 -28.43
N ILE A 249 -10.79 11.16 -29.06
CA ILE A 249 -10.87 11.46 -30.48
C ILE A 249 -10.65 12.96 -30.71
N ARG A 250 -11.22 13.82 -29.85
CA ARG A 250 -11.01 15.26 -29.96
C ARG A 250 -9.56 15.63 -29.68
N GLN A 251 -8.90 14.97 -28.72
CA GLN A 251 -7.47 15.16 -28.52
C GLN A 251 -6.64 14.72 -29.72
N GLN A 252 -7.12 13.74 -30.50
CA GLN A 252 -6.39 13.32 -31.70
C GLN A 252 -6.23 14.47 -32.69
N LYS A 253 -7.29 15.26 -32.89
CA LYS A 253 -7.19 16.41 -33.77
C LYS A 253 -6.05 17.34 -33.38
N LEU A 254 -5.81 17.50 -32.07
CA LEU A 254 -4.74 18.36 -31.59
C LEU A 254 -3.37 17.68 -31.52
N TYR A 255 -3.30 16.37 -31.31
CA TYR A 255 -2.02 15.67 -31.15
C TYR A 255 -2.03 14.39 -31.98
N PRO A 256 -2.05 14.53 -33.32
CA PRO A 256 -2.22 13.35 -34.18
C PRO A 256 -1.09 12.35 -34.10
N ASP A 257 0.09 12.76 -33.71
CA ASP A 257 1.19 11.81 -33.62
C ASP A 257 1.21 11.07 -32.29
N VAL A 258 0.40 11.50 -31.34
CA VAL A 258 0.36 10.94 -29.99
C VAL A 258 -0.85 10.03 -29.80
N VAL A 259 -2.03 10.51 -30.19
CA VAL A 259 -3.26 9.73 -30.17
C VAL A 259 -3.53 9.22 -31.59
N THR A 260 -2.93 8.09 -31.96
CA THR A 260 -3.03 7.48 -33.28
C THR A 260 -4.31 6.65 -33.42
N ASP A 261 -4.63 6.32 -34.67
CA ASP A 261 -5.71 5.38 -34.95
C ASP A 261 -5.44 4.00 -34.36
N SER A 262 -4.21 3.51 -34.48
CA SER A 262 -3.84 2.24 -33.86
C SER A 262 -4.10 2.28 -32.35
N TYR A 263 -3.68 3.36 -31.68
CA TYR A 263 -3.95 3.53 -30.26
C TYR A 263 -5.44 3.55 -29.96
N LEU A 264 -6.21 4.39 -30.68
CA LEU A 264 -7.61 4.52 -30.39
C LEU A 264 -8.35 3.20 -30.52
N HIS A 265 -8.02 2.42 -31.54
CA HIS A 265 -8.74 1.17 -31.80
C HIS A 265 -8.33 0.10 -30.79
N SER A 266 -7.02 -0.06 -30.56
CA SER A 266 -6.56 -1.00 -29.54
C SER A 266 -7.11 -0.65 -28.16
N MET A 267 -7.09 0.64 -27.80
CA MET A 267 -7.56 1.05 -26.47
C MET A 267 -9.03 0.76 -26.29
N MET A 268 -9.83 1.02 -27.34
CA MET A 268 -11.26 0.77 -27.23
C MET A 268 -11.53 -0.65 -26.75
N GLN A 269 -10.83 -1.61 -27.33
CA GLN A 269 -10.99 -3.00 -26.95
C GLN A 269 -10.44 -3.26 -25.55
N ALA A 270 -9.24 -2.76 -25.24
CA ALA A 270 -8.67 -3.07 -23.92
C ALA A 270 -9.43 -2.37 -22.77
N ILE A 271 -9.88 -1.13 -22.96
CA ILE A 271 -10.42 -0.34 -21.86
C ILE A 271 -11.85 -0.77 -21.53
N ILE A 272 -12.57 -1.31 -22.49
CA ILE A 272 -13.89 -1.87 -22.20
C ILE A 272 -13.76 -2.98 -21.16
N VAL A 273 -12.68 -3.76 -21.24
CA VAL A 273 -12.48 -4.77 -20.20
C VAL A 273 -11.85 -4.16 -18.96
N ALA A 274 -10.72 -3.46 -19.13
CA ALA A 274 -9.98 -2.95 -17.97
C ALA A 274 -10.83 -2.07 -17.09
N ALA A 275 -11.78 -1.34 -17.67
CA ALA A 275 -12.52 -0.37 -16.89
C ALA A 275 -13.56 -1.00 -15.97
N HIS A 276 -13.79 -2.32 -16.04
CA HIS A 276 -14.67 -2.93 -15.04
C HIS A 276 -14.15 -4.22 -14.41
N GLU A 277 -13.42 -5.03 -15.15
CA GLU A 277 -13.15 -6.40 -14.72
C GLU A 277 -12.40 -6.43 -13.39
N THR A 278 -11.37 -5.59 -13.27
CA THR A 278 -10.53 -5.62 -12.07
C THR A 278 -11.27 -5.09 -10.85
N THR A 279 -12.15 -4.13 -11.04
CA THR A 279 -13.00 -3.66 -9.97
C THR A 279 -13.96 -4.77 -9.50
N VAL A 280 -14.60 -5.46 -10.44
CA VAL A 280 -15.43 -6.63 -10.09
C VAL A 280 -14.61 -7.60 -9.27
N PHE A 281 -13.40 -7.90 -9.73
CA PHE A 281 -12.58 -8.87 -9.02
C PHE A 281 -12.18 -8.37 -7.63
N ALA A 282 -11.77 -7.12 -7.52
CA ALA A 282 -11.35 -6.63 -6.21
C ALA A 282 -12.49 -6.73 -5.22
N THR A 283 -13.69 -6.33 -5.65
CA THR A 283 -14.84 -6.29 -4.77
C THR A 283 -15.29 -7.69 -4.40
N THR A 284 -15.20 -8.64 -5.35
CA THR A 284 -15.50 -10.04 -5.07
C THR A 284 -14.55 -10.58 -4.01
N ASN A 285 -13.24 -10.36 -4.21
CA ASN A 285 -12.23 -10.81 -3.27
C ASN A 285 -12.41 -10.17 -1.91
N ALA A 286 -12.74 -8.87 -1.86
CA ALA A 286 -12.91 -8.20 -0.59
C ALA A 286 -14.06 -8.79 0.21
N LEU A 287 -15.21 -9.01 -0.45
CA LEU A 287 -16.36 -9.56 0.27
C LEU A 287 -16.09 -10.99 0.72
N LYS A 288 -15.37 -11.78 -0.07
CA LYS A 288 -15.00 -13.11 0.37
C LYS A 288 -14.12 -13.05 1.63
N THR A 289 -13.05 -12.24 1.59
CA THR A 289 -12.18 -12.10 2.76
C THR A 289 -12.93 -11.59 3.97
N LEU A 290 -13.78 -10.60 3.78
CA LEU A 290 -14.48 -10.04 4.93
C LEU A 290 -15.42 -11.07 5.57
N LEU A 291 -16.21 -11.76 4.75
CA LEU A 291 -17.11 -12.81 5.26
C LEU A 291 -16.35 -14.01 5.83
N GLU A 292 -15.10 -14.25 5.42
CA GLU A 292 -14.28 -15.28 6.06
C GLU A 292 -13.66 -14.85 7.40
N HIS A 293 -13.79 -13.55 7.80
CA HIS A 293 -13.26 -12.99 9.08
C HIS A 293 -14.42 -12.31 9.81
N GLU A 294 -15.22 -13.14 10.46
CA GLU A 294 -16.46 -12.67 11.08
C GLU A 294 -16.22 -11.53 12.06
N THR A 295 -15.16 -11.60 12.88
CA THR A 295 -14.88 -10.51 13.81
C THR A 295 -14.74 -9.17 13.08
N VAL A 296 -14.02 -9.17 11.97
CA VAL A 296 -13.82 -7.92 11.23
C VAL A 296 -15.12 -7.45 10.57
N TRP A 297 -15.81 -8.37 9.87
CA TRP A 297 -17.11 -8.04 9.29
C TRP A 297 -18.06 -7.43 10.32
N ARG A 298 -18.14 -8.01 11.51
CA ARG A 298 -18.96 -7.41 12.57
C ARG A 298 -18.48 -6.00 12.92
N GLU A 299 -17.17 -5.77 12.95
CA GLU A 299 -16.67 -4.41 13.22
C GLU A 299 -17.13 -3.42 12.14
N ILE A 300 -16.98 -3.79 10.86
CA ILE A 300 -17.42 -2.90 9.79
C ILE A 300 -18.91 -2.66 9.86
N CYS A 301 -19.68 -3.69 10.23
CA CYS A 301 -21.13 -3.50 10.28
C CYS A 301 -21.55 -2.56 11.39
N ALA A 302 -20.81 -2.53 12.49
CA ALA A 302 -21.11 -1.56 13.54
C ALA A 302 -20.55 -0.17 13.25
N ASP A 303 -19.61 -0.02 12.33
CA ASP A 303 -18.89 1.25 12.17
C ASP A 303 -18.45 1.43 10.74
N PRO A 304 -19.29 2.04 9.91
CA PRO A 304 -18.96 2.19 8.47
C PRO A 304 -17.69 3.01 8.20
N SER A 305 -17.24 3.87 9.13
CA SER A 305 -16.04 4.66 8.87
C SER A 305 -14.79 3.77 8.73
N LEU A 306 -14.86 2.49 9.10
CA LEU A 306 -13.75 1.58 8.86
C LEU A 306 -13.64 1.13 7.41
N ILE A 307 -14.60 1.44 6.57
CA ILE A 307 -14.66 0.80 5.26
C ILE A 307 -13.48 1.20 4.35
N PRO A 308 -13.06 2.47 4.30
CA PRO A 308 -11.86 2.74 3.45
C PRO A 308 -10.63 1.97 3.87
N ALA A 309 -10.34 1.86 5.17
CA ALA A 309 -9.17 1.09 5.60
C ALA A 309 -9.35 -0.39 5.34
N ALA A 310 -10.55 -0.91 5.54
CA ALA A 310 -10.76 -2.34 5.30
C ALA A 310 -10.61 -2.70 3.81
N ALA A 311 -11.10 -1.85 2.93
CA ALA A 311 -10.93 -2.09 1.49
C ALA A 311 -9.45 -2.12 1.10
N GLU A 312 -8.64 -1.15 1.59
CA GLU A 312 -7.21 -1.17 1.24
C GLU A 312 -6.55 -2.43 1.73
N GLU A 313 -6.91 -2.90 2.92
CA GLU A 313 -6.26 -4.11 3.41
C GLU A 313 -6.79 -5.35 2.68
N CYS A 314 -8.03 -5.31 2.23
CA CYS A 314 -8.47 -6.36 1.29
C CYS A 314 -7.63 -6.36 0.02
N LEU A 315 -7.32 -5.17 -0.50
CA LEU A 315 -6.45 -5.14 -1.70
C LEU A 315 -5.08 -5.71 -1.38
N ARG A 316 -4.52 -5.31 -0.25
CA ARG A 316 -3.23 -5.85 0.17
C ARG A 316 -3.30 -7.36 0.35
N TYR A 317 -4.25 -7.82 1.15
CA TYR A 317 -4.29 -9.22 1.58
C TYR A 317 -4.81 -10.16 0.49
N ASN A 318 -5.80 -9.76 -0.29
CA ASN A 318 -6.48 -10.66 -1.23
C ASN A 318 -6.84 -9.89 -2.50
N GLY A 319 -5.86 -9.27 -3.12
CA GLY A 319 -6.13 -8.30 -4.15
C GLY A 319 -6.29 -9.01 -5.48
N PRO A 320 -6.87 -8.32 -6.45
CA PRO A 320 -7.18 -8.97 -7.74
C PRO A 320 -5.96 -9.18 -8.61
N VAL A 321 -4.79 -8.60 -8.29
CA VAL A 321 -3.63 -8.71 -9.18
C VAL A 321 -2.70 -9.81 -8.68
N ALA A 322 -2.49 -10.81 -9.52
CA ALA A 322 -1.60 -11.93 -9.22
C ALA A 322 -0.21 -11.62 -9.75
N GLY A 323 -0.08 -11.59 -11.07
CA GLY A 323 1.21 -11.36 -11.72
C GLY A 323 1.10 -10.24 -12.72
N TRP A 324 2.21 -9.54 -12.92
CA TRP A 324 2.31 -8.51 -13.93
C TRP A 324 3.66 -8.61 -14.62
N ARG A 325 3.73 -8.17 -15.87
CA ARG A 325 4.88 -8.56 -16.69
C ARG A 325 5.70 -7.36 -17.14
N ARG A 326 6.98 -7.62 -17.41
CA ARG A 326 7.90 -6.64 -18.00
C ARG A 326 8.91 -7.42 -18.83
N ARG A 327 9.61 -6.69 -19.70
CA ARG A 327 10.68 -7.28 -20.51
C ARG A 327 11.88 -6.34 -20.52
N THR A 328 13.08 -6.89 -20.30
CA THR A 328 14.27 -6.02 -20.25
C THR A 328 14.61 -5.53 -21.65
N THR A 329 15.06 -4.26 -21.71
CA THR A 329 15.52 -3.62 -22.94
C THR A 329 17.03 -3.50 -22.99
N ARG A 330 17.73 -4.01 -21.98
CA ARG A 330 19.19 -3.99 -21.90
C ARG A 330 19.56 -5.05 -20.88
N GLU A 331 20.83 -5.45 -20.90
CA GLU A 331 21.34 -6.29 -19.83
C GLU A 331 21.18 -5.57 -18.50
N VAL A 332 20.84 -6.32 -17.46
CA VAL A 332 20.63 -5.72 -16.15
C VAL A 332 20.69 -6.83 -15.12
N GLU A 333 21.22 -6.50 -13.95
CA GLU A 333 21.25 -7.44 -12.86
C GLU A 333 19.97 -7.28 -12.06
N VAL A 334 19.35 -8.41 -11.67
CA VAL A 334 18.15 -8.38 -10.85
C VAL A 334 18.29 -9.47 -9.79
N GLU A 335 18.11 -9.10 -8.52
CA GLU A 335 18.28 -10.05 -7.43
C GLU A 335 19.58 -10.84 -7.59
N GLY A 336 20.65 -10.15 -7.99
CA GLY A 336 21.96 -10.79 -8.08
C GLY A 336 22.15 -11.76 -9.22
N VAL A 337 21.36 -11.63 -10.28
CA VAL A 337 21.47 -12.43 -11.49
C VAL A 337 21.50 -11.46 -12.64
N ARG A 338 22.39 -11.69 -13.61
CA ARG A 338 22.52 -10.81 -14.75
C ARG A 338 21.58 -11.29 -15.86
N LEU A 339 20.61 -10.47 -16.16
CA LEU A 339 19.65 -10.91 -17.16
C LEU A 339 20.05 -10.36 -18.52
N PRO A 340 19.89 -11.16 -19.57
CA PRO A 340 20.21 -10.67 -20.92
C PRO A 340 19.16 -9.68 -21.40
N VAL A 341 19.34 -9.11 -22.57
CA VAL A 341 18.34 -8.23 -23.13
C VAL A 341 17.16 -9.08 -23.62
N GLY A 342 15.95 -8.50 -23.55
CA GLY A 342 14.74 -9.21 -23.93
C GLY A 342 14.31 -10.31 -22.98
N ALA A 343 14.82 -10.35 -21.75
CA ALA A 343 14.36 -11.38 -20.82
C ALA A 343 12.96 -11.02 -20.29
N ASN A 344 12.10 -12.02 -20.28
CA ASN A 344 10.74 -11.89 -19.79
C ASN A 344 10.74 -11.99 -18.27
N ILE A 345 10.00 -11.11 -17.63
CA ILE A 345 9.91 -11.10 -16.18
C ILE A 345 8.45 -11.13 -15.76
N LEU A 346 8.11 -12.07 -14.89
CA LEU A 346 6.81 -12.11 -14.25
C LEU A 346 6.95 -11.59 -12.83
N MET A 347 6.36 -10.46 -12.53
CA MET A 347 6.37 -9.94 -11.18
C MET A 347 5.12 -10.46 -10.47
N VAL A 348 5.31 -11.26 -9.41
CA VAL A 348 4.18 -11.81 -8.67
C VAL A 348 3.79 -10.76 -7.64
N VAL A 349 2.92 -9.86 -8.09
CA VAL A 349 2.52 -8.72 -7.28
C VAL A 349 1.86 -9.17 -5.98
N ALA A 350 1.06 -10.25 -6.04
CA ALA A 350 0.44 -10.75 -4.81
C ALA A 350 1.47 -11.14 -3.78
N SER A 351 2.59 -11.73 -4.24
CA SER A 351 3.71 -12.07 -3.38
C SER A 351 4.32 -10.84 -2.72
N ALA A 352 4.61 -9.81 -3.51
CA ALA A 352 5.09 -8.56 -2.96
C ALA A 352 4.16 -8.07 -1.88
N ASN A 353 2.86 -8.23 -2.07
CA ASN A 353 1.94 -7.70 -1.08
C ASN A 353 1.91 -8.54 0.19
N HIS A 354 2.56 -9.69 0.18
CA HIS A 354 2.71 -10.52 1.37
C HIS A 354 4.16 -10.56 1.84
N ASP A 355 4.95 -9.56 1.46
CA ASP A 355 6.39 -9.60 1.73
C ASP A 355 6.63 -9.06 3.13
N SER A 356 7.08 -9.95 4.03
CA SER A 356 7.34 -9.54 5.40
C SER A 356 8.41 -8.44 5.51
N ALA A 357 9.27 -8.25 4.49
CA ALA A 357 10.21 -7.10 4.54
C ALA A 357 9.50 -5.75 4.47
N HIS A 358 8.28 -5.68 3.96
CA HIS A 358 7.58 -4.40 3.86
C HIS A 358 6.36 -4.31 4.74
N PHE A 359 5.71 -5.45 5.03
CA PHE A 359 4.49 -5.53 5.83
C PHE A 359 4.72 -6.51 6.98
N ASP A 360 4.84 -6.02 8.21
CA ASP A 360 4.99 -6.89 9.37
C ASP A 360 3.78 -7.82 9.48
N ASP A 361 4.03 -9.07 9.87
CA ASP A 361 2.98 -10.06 10.07
C ASP A 361 2.06 -10.09 8.84
N PRO A 362 2.61 -10.38 7.65
CA PRO A 362 1.84 -10.15 6.43
C PRO A 362 0.67 -11.12 6.24
N GLU A 363 0.64 -12.26 6.92
CA GLU A 363 -0.50 -13.15 6.80
C GLU A 363 -1.61 -12.81 7.75
N PHE A 364 -1.48 -11.71 8.51
CA PHE A 364 -2.52 -11.26 9.42
C PHE A 364 -3.39 -10.27 8.67
N PHE A 365 -4.70 -10.52 8.66
CA PHE A 365 -5.62 -9.65 7.92
C PHE A 365 -5.96 -8.56 8.91
N ASP A 366 -5.36 -7.38 8.71
CA ASP A 366 -5.33 -6.35 9.75
C ASP A 366 -5.93 -5.05 9.20
N ILE A 367 -7.21 -4.78 9.47
CA ILE A 367 -7.75 -3.55 8.87
C ILE A 367 -7.25 -2.28 9.53
N GLY A 368 -6.50 -2.36 10.63
CA GLY A 368 -5.80 -1.20 11.12
C GLY A 368 -4.40 -1.04 10.56
N ARG A 369 -4.00 -1.87 9.59
CA ARG A 369 -2.62 -1.84 9.10
C ARG A 369 -2.33 -0.48 8.47
N SER A 370 -1.32 0.21 8.99
CA SER A 370 -1.20 1.63 8.68
C SER A 370 -0.59 1.88 7.31
N ASN A 371 0.17 0.95 6.74
CA ASN A 371 0.68 1.15 5.39
C ASN A 371 0.02 0.22 4.36
N ALA A 372 -1.23 -0.20 4.59
CA ALA A 372 -1.88 -1.13 3.68
C ALA A 372 -1.92 -0.59 2.25
N SER A 373 -2.07 0.73 2.10
CA SER A 373 -2.17 1.34 0.79
C SER A 373 -0.85 1.35 0.05
N GLU A 374 0.22 0.81 0.61
CA GLU A 374 1.41 0.62 -0.18
C GLU A 374 1.38 -0.69 -0.98
N HIS A 375 0.27 -1.41 -0.99
CA HIS A 375 0.17 -2.57 -1.88
C HIS A 375 0.42 -2.11 -3.32
N LEU A 376 0.82 -3.04 -4.17
CA LEU A 376 1.12 -2.74 -5.56
C LEU A 376 0.02 -3.18 -6.55
N ASN A 377 -1.24 -3.31 -6.12
CA ASN A 377 -2.26 -3.74 -7.09
C ASN A 377 -2.46 -2.71 -8.19
N PHE A 378 -2.20 -1.43 -7.90
CA PHE A 378 -2.36 -0.38 -8.89
C PHE A 378 -1.04 -0.06 -9.57
N GLY A 379 -0.03 -0.87 -9.37
CA GLY A 379 1.29 -0.54 -9.86
C GLY A 379 1.87 0.68 -9.14
N TYR A 380 2.90 1.25 -9.75
CA TYR A 380 3.65 2.33 -9.12
C TYR A 380 4.41 3.09 -10.19
N GLY A 381 4.37 4.42 -10.11
CA GLY A 381 5.14 5.26 -11.01
C GLY A 381 4.41 5.54 -12.32
N ALA A 382 5.14 5.36 -13.43
CA ALA A 382 4.73 5.94 -14.72
C ALA A 382 3.36 5.44 -15.16
N HIS A 383 3.09 4.14 -14.97
CA HIS A 383 1.85 3.52 -15.44
C HIS A 383 0.78 3.38 -14.36
N GLN A 384 0.95 4.05 -13.21
CA GLN A 384 0.09 3.80 -12.06
C GLN A 384 -1.38 3.95 -12.42
N CYS A 385 -2.19 2.97 -12.00
CA CYS A 385 -3.57 2.86 -12.51
C CYS A 385 -4.31 4.19 -12.55
N LEU A 386 -4.79 4.59 -13.74
CA LEU A 386 -5.53 5.85 -13.82
C LEU A 386 -6.94 5.78 -13.22
N GLY A 387 -7.56 4.60 -13.21
CA GLY A 387 -8.90 4.55 -12.68
C GLY A 387 -9.00 4.14 -11.22
N ARG A 388 -7.87 4.12 -10.51
CA ARG A 388 -7.79 3.45 -9.22
C ARG A 388 -8.72 4.03 -8.19
N ASN A 389 -8.96 5.35 -8.21
CA ASN A 389 -9.83 5.92 -7.22
C ASN A 389 -11.29 5.71 -7.55
N LEU A 390 -11.61 5.46 -8.81
CA LEU A 390 -12.98 5.07 -9.13
C LEU A 390 -13.24 3.63 -8.65
N GLY A 391 -12.28 2.74 -8.90
CA GLY A 391 -12.37 1.40 -8.37
C GLY A 391 -12.47 1.35 -6.85
N ARG A 392 -11.67 2.18 -6.14
CA ARG A 392 -11.81 2.28 -4.69
C ARG A 392 -13.20 2.72 -4.28
N MET A 393 -13.74 3.74 -4.94
CA MET A 393 -15.07 4.23 -4.57
C MET A 393 -16.14 3.15 -4.76
N GLU A 394 -16.06 2.39 -5.86
CA GLU A 394 -17.04 1.35 -6.13
C GLU A 394 -16.98 0.25 -5.08
N MET A 395 -15.77 -0.21 -4.74
CA MET A 395 -15.60 -1.16 -3.65
C MET A 395 -16.27 -0.65 -2.38
N GLN A 396 -15.98 0.60 -2.02
CA GLN A 396 -16.42 1.09 -0.73
C GLN A 396 -17.93 1.12 -0.65
N ILE A 397 -18.58 1.59 -1.73
CA ILE A 397 -20.02 1.78 -1.65
C ILE A 397 -20.73 0.43 -1.67
N MET A 398 -20.19 -0.53 -2.44
CA MET A 398 -20.74 -1.89 -2.40
C MET A 398 -20.58 -2.52 -1.02
N ILE A 399 -19.39 -2.44 -0.42
CA ILE A 399 -19.22 -2.98 0.93
C ILE A 399 -20.15 -2.29 1.90
N GLU A 400 -20.32 -0.99 1.74
CA GLU A 400 -21.14 -0.25 2.67
C GLU A 400 -22.58 -0.74 2.61
N GLU A 401 -23.13 -0.82 1.41
CA GLU A 401 -24.52 -1.20 1.28
C GLU A 401 -24.76 -2.58 1.89
N LEU A 402 -23.87 -3.53 1.61
CA LEU A 402 -24.05 -4.88 2.13
C LEU A 402 -23.88 -4.93 3.65
N SER A 403 -22.94 -4.16 4.19
CA SER A 403 -22.71 -4.17 5.62
C SER A 403 -23.87 -3.56 6.37
N ARG A 404 -24.54 -2.56 5.79
CA ARG A 404 -25.71 -1.97 6.44
C ARG A 404 -26.94 -2.86 6.37
N ARG A 405 -27.17 -3.54 5.25
CA ARG A 405 -28.44 -4.24 5.03
C ARG A 405 -28.36 -5.73 5.26
N LEU A 406 -27.19 -6.32 5.05
CA LEU A 406 -27.01 -7.77 5.22
C LEU A 406 -25.86 -8.08 6.18
N PRO A 407 -25.83 -7.47 7.36
CA PRO A 407 -24.74 -7.79 8.30
C PRO A 407 -24.77 -9.22 8.75
N HIS A 408 -25.94 -9.88 8.64
CA HIS A 408 -26.18 -11.24 9.12
C HIS A 408 -25.99 -12.30 8.06
N MET A 409 -25.45 -11.95 6.90
CA MET A 409 -25.26 -12.97 5.88
C MET A 409 -23.94 -13.68 6.11
N ARG A 410 -23.83 -14.86 5.54
CA ARG A 410 -22.58 -15.63 5.59
C ARG A 410 -22.39 -16.35 4.25
N LEU A 411 -21.15 -16.69 3.92
CA LEU A 411 -20.86 -17.49 2.75
C LEU A 411 -21.56 -18.82 2.83
N ALA A 412 -22.23 -19.19 1.75
CA ALA A 412 -22.81 -20.52 1.66
C ALA A 412 -21.68 -21.52 1.31
N GLU A 413 -21.95 -22.80 1.57
CA GLU A 413 -21.07 -23.85 1.07
C GLU A 413 -21.05 -23.84 -0.46
N GLN A 414 -19.83 -23.88 -1.03
CA GLN A 414 -19.66 -23.74 -2.46
C GLN A 414 -18.22 -24.09 -2.78
N ARG A 415 -17.97 -24.43 -4.03
CA ARG A 415 -16.65 -24.40 -4.62
C ARG A 415 -16.40 -23.03 -5.23
N PHE A 416 -15.17 -22.56 -5.16
CA PHE A 416 -14.80 -21.31 -5.81
C PHE A 416 -14.04 -21.66 -7.09
N ASP A 417 -14.51 -21.19 -8.24
CA ASP A 417 -13.87 -21.45 -9.53
C ASP A 417 -13.25 -20.16 -10.06
N TYR A 418 -12.02 -20.26 -10.55
CA TYR A 418 -11.26 -19.13 -11.06
C TYR A 418 -10.93 -19.32 -12.54
N LEU A 419 -11.20 -18.32 -13.37
CA LEU A 419 -10.74 -18.33 -14.76
C LEU A 419 -9.22 -18.20 -14.77
N HIS A 420 -8.54 -19.18 -15.35
CA HIS A 420 -7.06 -19.20 -15.36
C HIS A 420 -6.48 -18.07 -16.20
N ASN A 421 -5.69 -17.22 -15.56
CA ASN A 421 -4.83 -16.30 -16.31
C ASN A 421 -3.80 -15.76 -15.36
N VAL A 422 -2.73 -15.20 -15.92
CA VAL A 422 -1.55 -14.95 -15.11
C VAL A 422 -1.67 -13.67 -14.28
N SER A 423 -2.60 -12.76 -14.58
CA SER A 423 -2.62 -11.43 -13.98
C SER A 423 -3.78 -11.14 -13.05
N PHE A 424 -5.02 -11.56 -13.35
CA PHE A 424 -6.17 -11.14 -12.55
C PHE A 424 -6.89 -12.34 -11.97
N ARG A 425 -7.30 -12.25 -10.69
CA ARG A 425 -7.85 -13.41 -10.01
C ARG A 425 -9.03 -12.98 -9.12
N ALA A 426 -10.12 -13.70 -9.24
CA ALA A 426 -11.24 -13.67 -8.31
C ALA A 426 -12.09 -14.89 -8.62
N PRO A 427 -12.87 -15.37 -7.67
CA PRO A 427 -13.86 -16.41 -8.00
C PRO A 427 -14.97 -15.83 -8.85
N ARG A 428 -15.55 -16.69 -9.68
CA ARG A 428 -16.60 -16.23 -10.60
C ARG A 428 -17.95 -16.06 -9.93
N HIS A 429 -18.19 -16.73 -8.81
CA HIS A 429 -19.42 -16.52 -8.07
C HIS A 429 -19.13 -16.34 -6.59
N LEU A 430 -20.12 -15.79 -5.87
CA LEU A 430 -19.97 -15.58 -4.42
C LEU A 430 -21.33 -15.78 -3.76
N TRP A 431 -21.63 -17.01 -3.41
CA TRP A 431 -22.94 -17.33 -2.86
C TRP A 431 -22.99 -17.01 -1.38
N VAL A 432 -24.03 -16.32 -0.93
CA VAL A 432 -24.21 -15.99 0.46
C VAL A 432 -25.64 -16.32 0.85
N GLU A 433 -25.89 -16.42 2.14
CA GLU A 433 -27.20 -16.85 2.61
C GLU A 433 -27.45 -16.13 3.91
N TRP A 434 -28.73 -15.88 4.22
CA TRP A 434 -29.12 -15.14 5.41
C TRP A 434 -30.59 -15.39 5.68
N ASP A 435 -31.01 -15.00 6.88
CA ASP A 435 -32.41 -15.08 7.27
C ASP A 435 -33.05 -13.71 7.05
N PRO A 436 -33.97 -13.57 6.09
CA PRO A 436 -34.53 -12.25 5.79
C PRO A 436 -35.37 -11.69 6.93
N ALA A 437 -35.95 -12.53 7.78
CA ALA A 437 -36.71 -12.01 8.90
C ALA A 437 -35.83 -11.19 9.85
N GLN A 438 -34.51 -11.39 9.80
CA GLN A 438 -33.57 -10.63 10.62
C GLN A 438 -32.96 -9.43 9.85
N ASN A 439 -33.45 -9.11 8.66
CA ASN A 439 -32.97 -7.92 7.94
C ASN A 439 -33.14 -6.69 8.82
N PRO A 440 -32.08 -5.95 9.12
CA PRO A 440 -32.22 -4.82 10.07
C PRO A 440 -33.07 -3.71 9.54
N GLU A 441 -33.20 -3.58 8.22
CA GLU A 441 -34.07 -2.55 7.72
C GLU A 441 -35.55 -2.80 8.01
N ARG A 442 -35.94 -4.02 8.43
CA ARG A 442 -37.35 -4.22 8.78
C ARG A 442 -37.70 -3.52 10.08
N ARG A 443 -36.77 -3.52 11.02
CA ARG A 443 -36.97 -2.87 12.33
C ARG A 443 -36.63 -1.38 12.24
N ASP A 444 -35.71 -1.00 11.35
CA ASP A 444 -35.22 0.38 11.25
C ASP A 444 -35.10 0.76 9.78
N PRO A 445 -36.21 1.10 9.14
CA PRO A 445 -36.16 1.42 7.71
C PRO A 445 -35.28 2.63 7.36
N ASP A 446 -34.99 3.52 8.31
CA ASP A 446 -34.21 4.73 7.99
C ASP A 446 -32.74 4.43 7.80
N ILE A 447 -32.29 3.21 8.09
CA ILE A 447 -30.98 2.75 7.66
C ILE A 447 -30.77 2.97 6.16
N LEU A 448 -31.85 2.95 5.38
CA LEU A 448 -31.75 3.13 3.93
C LEU A 448 -31.44 4.57 3.54
N ARG A 449 -31.53 5.51 4.50
CA ARG A 449 -31.22 6.91 4.26
C ARG A 449 -29.80 7.26 4.67
N LEU A 450 -29.06 6.34 5.27
CA LEU A 450 -27.72 6.69 5.74
C LEU A 450 -26.72 6.62 4.58
N ARG A 451 -25.74 7.52 4.60
CA ARG A 451 -24.67 7.53 3.60
C ARG A 451 -23.37 7.88 4.28
N GLN A 452 -22.40 6.99 4.16
CA GLN A 452 -21.05 7.26 4.62
C GLN A 452 -20.30 7.98 3.51
N PRO A 453 -19.87 9.22 3.72
CA PRO A 453 -19.14 9.95 2.66
C PRO A 453 -17.91 9.19 2.19
N VAL A 454 -17.66 9.27 0.89
CA VAL A 454 -16.67 8.41 0.28
C VAL A 454 -15.27 8.98 0.41
N ARG A 455 -14.30 8.09 0.64
CA ARG A 455 -12.87 8.39 0.60
C ARG A 455 -12.37 8.44 -0.85
N ILE A 456 -12.00 9.61 -1.36
CA ILE A 456 -11.31 9.71 -2.65
C ILE A 456 -9.81 9.56 -2.46
N GLY A 457 -9.22 8.51 -3.02
CA GLY A 457 -7.81 8.20 -2.83
C GLY A 457 -7.61 7.26 -1.66
N PRO A 458 -6.37 6.96 -1.30
CA PRO A 458 -6.12 6.06 -0.17
C PRO A 458 -6.57 6.69 1.14
N PRO A 459 -6.87 5.88 2.15
CA PRO A 459 -7.27 6.45 3.43
C PRO A 459 -6.11 7.21 4.06
N ARG A 460 -6.43 8.29 4.75
CA ARG A 460 -5.42 9.04 5.48
C ARG A 460 -5.11 8.35 6.80
N ALA A 461 -4.12 8.89 7.52
CA ALA A 461 -3.73 8.30 8.80
C ALA A 461 -4.89 8.30 9.77
N LYS A 462 -5.62 9.41 9.84
CA LYS A 462 -6.72 9.43 10.79
C LYS A 462 -7.88 8.54 10.37
N ASP A 463 -7.86 7.97 9.16
CA ASP A 463 -8.85 7.01 8.71
C ASP A 463 -8.50 5.59 9.09
N VAL A 464 -7.27 5.35 9.56
CA VAL A 464 -6.80 3.99 9.83
C VAL A 464 -6.51 3.85 11.33
N VAL A 465 -7.57 3.59 12.10
CA VAL A 465 -7.54 3.75 13.54
C VAL A 465 -8.13 2.52 14.18
N ARG A 466 -7.45 2.00 15.18
CA ARG A 466 -8.00 0.88 15.92
C ARG A 466 -8.43 1.38 17.30
N THR A 467 -9.54 0.83 17.80
CA THR A 467 -10.04 1.20 19.12
C THR A 467 -9.53 0.16 20.11
N MET A 468 -8.83 0.63 21.14
CA MET A 468 -8.17 -0.28 22.06
C MET A 468 -8.61 0.00 23.49
N GLU A 469 -8.46 -1.00 24.35
CA GLU A 469 -8.79 -0.85 25.76
C GLU A 469 -7.51 -0.81 26.56
N VAL A 470 -7.46 0.12 27.51
CA VAL A 470 -6.39 0.19 28.50
C VAL A 470 -6.66 -0.89 29.55
N ALA A 471 -5.99 -2.02 29.41
CA ALA A 471 -6.18 -3.15 30.30
C ALA A 471 -5.58 -2.90 31.67
N ALA A 472 -4.50 -2.13 31.74
CA ALA A 472 -3.81 -1.84 32.99
C ALA A 472 -2.96 -0.59 32.80
N VAL A 473 -2.73 0.11 33.91
CA VAL A 473 -2.00 1.36 34.05
C VAL A 473 -1.13 1.24 35.29
N GLU A 474 0.18 1.31 35.11
CA GLU A 474 1.14 1.32 36.23
C GLU A 474 1.73 2.71 36.30
N ARG A 475 2.05 3.17 37.50
CA ARG A 475 2.61 4.50 37.71
C ARG A 475 3.92 4.36 38.48
N PRO A 476 4.99 3.91 37.84
CA PRO A 476 6.24 3.67 38.58
C PRO A 476 6.86 4.92 39.15
N SER A 477 6.57 6.07 38.61
CA SER A 477 7.10 7.30 39.15
C SER A 477 6.06 8.35 38.89
N GLU A 478 6.25 9.52 39.47
CA GLU A 478 5.25 10.56 39.41
C GLU A 478 4.99 11.00 37.97
N ASP A 479 5.99 10.93 37.09
CA ASP A 479 5.71 11.46 35.76
C ASP A 479 5.90 10.42 34.65
N ILE A 480 5.78 9.14 34.98
CA ILE A 480 5.77 8.11 33.96
C ILE A 480 4.59 7.20 34.21
N VAL A 481 3.80 6.95 33.17
CA VAL A 481 2.74 5.95 33.23
C VAL A 481 3.03 4.90 32.18
N VAL A 482 2.86 3.62 32.55
CA VAL A 482 3.05 2.47 31.67
C VAL A 482 1.66 1.93 31.34
N LEU A 483 1.34 1.83 30.06
CA LEU A 483 0.00 1.41 29.66
C LEU A 483 0.08 0.05 29.02
N HIS A 484 -0.90 -0.80 29.31
CA HIS A 484 -1.04 -2.10 28.66
C HIS A 484 -2.31 -2.05 27.82
N LEU A 485 -2.16 -2.25 26.52
CA LEU A 485 -3.24 -2.01 25.58
C LEU A 485 -3.63 -3.31 24.89
N THR A 486 -4.94 -3.55 24.77
CA THR A 486 -5.46 -4.77 24.16
C THR A 486 -6.64 -4.42 23.25
N ARG A 487 -7.01 -5.34 22.37
CA ARG A 487 -8.33 -5.25 21.76
C ARG A 487 -9.38 -5.32 22.86
N PRO A 488 -10.48 -4.56 22.77
CA PRO A 488 -11.54 -4.73 23.79
C PRO A 488 -11.98 -6.17 23.96
N ASP A 489 -11.96 -6.98 22.92
CA ASP A 489 -12.39 -8.37 23.05
C ASP A 489 -11.24 -9.31 23.40
N ARG A 490 -10.03 -8.80 23.59
CA ARG A 490 -8.83 -9.55 23.96
C ARG A 490 -8.35 -10.55 22.91
N ARG A 491 -8.91 -10.51 21.70
CA ARG A 491 -8.42 -11.35 20.60
C ARG A 491 -7.01 -10.93 20.17
N PRO A 492 -6.34 -11.73 19.35
CA PRO A 492 -4.94 -11.41 19.01
C PRO A 492 -4.76 -10.13 18.19
N LEU A 493 -3.67 -9.33 18.52
CA LEU A 493 -3.14 -8.17 17.82
C LEU A 493 -2.12 -8.60 16.78
N PRO A 494 -1.89 -7.84 15.71
CA PRO A 494 -0.76 -8.14 14.81
C PRO A 494 0.57 -7.99 15.51
N ARG A 495 1.55 -8.76 15.06
CA ARG A 495 2.92 -8.59 15.50
C ARG A 495 3.60 -7.40 14.84
N TRP A 496 4.71 -6.95 15.45
CA TRP A 496 5.46 -5.82 14.93
C TRP A 496 6.94 -6.15 15.06
N SER A 497 7.78 -5.17 14.82
CA SER A 497 9.21 -5.39 14.86
C SER A 497 9.93 -4.32 15.69
N PRO A 498 11.05 -4.67 16.30
CA PRO A 498 11.75 -3.71 17.20
C PRO A 498 11.93 -2.30 16.59
N GLY A 499 11.58 -1.27 17.38
CA GLY A 499 11.63 0.11 16.93
C GLY A 499 10.28 0.70 16.56
N ALA A 500 9.27 -0.14 16.32
CA ALA A 500 7.95 0.37 15.95
C ALA A 500 7.36 1.25 17.06
N HIS A 501 6.49 2.16 16.66
CA HIS A 501 5.73 2.97 17.58
C HIS A 501 4.27 2.95 17.14
N ILE A 502 3.39 3.38 18.04
CA ILE A 502 2.00 3.64 17.72
C ILE A 502 1.77 5.12 17.95
N ASP A 503 0.63 5.59 17.48
CA ASP A 503 0.17 6.93 17.79
C ASP A 503 -1.10 6.80 18.60
N ILE A 504 -1.20 7.53 19.70
CA ILE A 504 -2.41 7.63 20.50
C ILE A 504 -3.06 8.96 20.24
N GLU A 505 -4.35 8.94 19.91
CA GLU A 505 -5.10 10.19 19.79
C GLU A 505 -5.41 10.66 21.23
N CYS A 506 -4.74 11.74 21.66
CA CYS A 506 -4.84 12.24 23.04
C CYS A 506 -5.98 13.23 23.20
N GLY A 507 -7.20 12.70 23.12
CA GLY A 507 -8.42 13.48 23.30
C GLY A 507 -9.08 13.92 22.01
N GLU A 508 -8.34 14.00 20.91
CA GLU A 508 -8.94 14.35 19.62
C GLU A 508 -8.03 13.83 18.52
N PRO A 509 -8.57 13.60 17.32
CA PRO A 509 -7.74 12.99 16.26
C PRO A 509 -6.56 13.85 15.84
N ASP A 510 -6.66 15.16 15.95
CA ASP A 510 -5.55 16.01 15.56
C ASP A 510 -4.57 16.31 16.71
N ARG A 511 -4.70 15.62 17.84
CA ARG A 511 -3.63 15.65 18.83
C ARG A 511 -3.08 14.24 19.02
N SER A 512 -2.47 13.70 17.99
CA SER A 512 -1.93 12.35 18.02
C SER A 512 -0.45 12.41 18.43
N ARG A 513 0.00 11.43 19.22
CA ARG A 513 1.39 11.42 19.67
C ARG A 513 1.99 10.03 19.51
N GLN A 514 3.25 9.99 19.11
CA GLN A 514 3.96 8.73 18.93
C GLN A 514 4.50 8.22 20.27
N TYR A 515 4.32 6.92 20.53
CA TYR A 515 4.92 6.23 21.68
C TYR A 515 5.45 4.90 21.22
N SER A 516 6.69 4.58 21.62
CA SER A 516 7.37 3.37 21.16
C SER A 516 6.83 2.13 21.84
N LEU A 517 6.58 1.06 21.06
CA LEU A 517 6.14 -0.21 21.64
C LEU A 517 7.31 -0.83 22.39
N CYS A 518 7.08 -1.28 23.63
CA CYS A 518 8.20 -1.85 24.36
C CYS A 518 7.87 -3.18 25.02
N SER A 519 6.75 -3.80 24.66
CA SER A 519 6.44 -5.18 25.02
C SER A 519 7.21 -6.14 24.10
N ASP A 520 6.87 -7.42 24.13
CA ASP A 520 7.51 -8.42 23.25
C ASP A 520 6.83 -8.36 21.88
N PRO A 521 7.58 -8.12 20.80
CA PRO A 521 6.94 -7.94 19.49
C PRO A 521 6.16 -9.15 18.99
N GLU A 522 6.46 -10.34 19.49
CA GLU A 522 5.73 -11.52 19.08
C GLU A 522 4.50 -11.77 19.96
N ASN A 523 4.37 -11.09 21.09
CA ASN A 523 3.26 -11.32 22.00
C ASN A 523 2.00 -10.64 21.48
N ARG A 524 1.04 -11.42 20.96
CA ARG A 524 -0.17 -10.87 20.35
C ARG A 524 -1.23 -10.48 21.36
N ASP A 525 -1.00 -10.67 22.66
CA ASP A 525 -2.08 -10.42 23.62
C ASP A 525 -2.25 -8.95 23.92
N ALA A 526 -1.14 -8.20 23.98
CA ALA A 526 -1.18 -6.82 24.43
C ALA A 526 0.05 -6.06 23.96
N TRP A 527 -0.09 -4.74 23.93
CA TRP A 527 1.01 -3.82 23.66
C TRP A 527 1.30 -2.97 24.90
N ARG A 528 2.57 -2.71 25.17
CA ARG A 528 2.99 -1.86 26.28
C ARG A 528 3.67 -0.61 25.75
N VAL A 529 3.30 0.56 26.31
CA VAL A 529 4.01 1.81 26.10
C VAL A 529 4.24 2.47 27.45
N ALA A 530 5.24 3.36 27.48
CA ALA A 530 5.56 4.13 28.68
C ALA A 530 5.57 5.59 28.28
N VAL A 531 4.70 6.37 28.90
CA VAL A 531 4.46 7.75 28.55
C VAL A 531 4.99 8.65 29.66
N GLN A 532 5.98 9.47 29.34
CA GLN A 532 6.48 10.48 30.25
C GLN A 532 5.60 11.72 30.21
N ARG A 533 5.33 12.30 31.38
CA ARG A 533 4.58 13.55 31.40
C ARG A 533 5.55 14.68 31.05
N ASP A 534 5.32 15.35 29.96
CA ASP A 534 6.30 16.36 29.55
C ASP A 534 6.12 17.63 30.38
N PRO A 535 7.21 18.20 30.92
CA PRO A 535 7.09 19.42 31.76
C PRO A 535 6.53 20.60 31.01
N ALA A 536 6.64 20.61 29.69
CA ALA A 536 6.13 21.71 28.87
C ALA A 536 5.13 21.19 27.85
N SER A 537 4.22 20.32 28.27
CA SER A 537 3.41 19.55 27.34
C SER A 537 2.58 20.47 26.41
N ARG A 538 2.58 20.15 25.10
CA ARG A 538 1.63 20.81 24.22
C ARG A 538 0.21 20.29 24.44
N GLY A 539 0.03 19.32 25.33
CA GLY A 539 -1.29 18.85 25.74
C GLY A 539 -1.42 17.34 25.65
N GLY A 540 -0.59 16.70 24.83
CA GLY A 540 -0.74 15.28 24.61
C GLY A 540 -0.41 14.41 25.80
N SER A 541 0.83 14.47 26.29
CA SER A 541 1.20 13.61 27.41
C SER A 541 0.49 14.05 28.70
N ARG A 542 0.16 15.33 28.79
CA ARG A 542 -0.63 15.84 29.91
C ARG A 542 -2.01 15.20 29.93
N TRP A 543 -2.67 15.17 28.78
CA TRP A 543 -3.96 14.47 28.68
C TRP A 543 -3.81 13.00 29.07
N ILE A 544 -2.77 12.34 28.59
CA ILE A 544 -2.59 10.94 28.98
C ILE A 544 -2.45 10.83 30.50
N HIS A 545 -1.68 11.73 31.11
CA HIS A 545 -1.47 11.59 32.55
C HIS A 545 -2.71 11.98 33.33
N GLU A 546 -3.50 12.92 32.83
CA GLU A 546 -4.69 13.34 33.57
C GLU A 546 -5.89 12.46 33.32
N GLU A 547 -5.97 11.76 32.18
CA GLU A 547 -7.22 11.15 31.77
C GLU A 547 -7.22 9.63 31.70
N VAL A 548 -6.07 9.00 31.52
CA VAL A 548 -6.08 7.58 31.17
C VAL A 548 -6.15 6.72 32.42
N ARG A 549 -7.06 5.75 32.40
CA ARG A 549 -7.33 4.87 33.53
C ARG A 549 -7.75 3.52 32.96
N PRO A 550 -7.55 2.43 33.70
CA PRO A 550 -7.93 1.12 33.16
C PRO A 550 -9.40 1.09 32.80
N GLY A 551 -9.71 0.33 31.75
CA GLY A 551 -11.04 0.28 31.19
C GLY A 551 -11.37 1.35 30.19
N MET A 552 -10.52 2.36 30.01
CA MET A 552 -10.80 3.38 29.02
C MET A 552 -10.56 2.83 27.60
N LEU A 553 -11.27 3.40 26.63
CA LEU A 553 -11.05 3.09 25.21
C LEU A 553 -10.20 4.19 24.59
N LEU A 554 -9.15 3.80 23.87
CA LEU A 554 -8.26 4.73 23.18
C LEU A 554 -8.23 4.45 21.68
N ARG A 555 -8.21 5.54 20.91
CA ARG A 555 -8.03 5.48 19.46
C ARG A 555 -6.53 5.49 19.15
N VAL A 556 -6.06 4.43 18.51
CA VAL A 556 -4.64 4.16 18.31
C VAL A 556 -4.38 3.95 16.83
N ARG A 557 -3.26 4.49 16.33
CA ARG A 557 -2.80 4.24 14.97
C ARG A 557 -1.48 3.52 15.00
N GLY A 558 -1.26 2.72 13.97
CA GLY A 558 -0.02 2.01 13.83
C GLY A 558 -0.29 0.57 14.14
N PRO A 559 0.76 -0.21 14.40
CA PRO A 559 2.16 0.21 14.50
C PRO A 559 2.78 0.67 13.18
N ARG A 560 3.77 1.53 13.31
CA ARG A 560 4.58 1.91 12.19
C ARG A 560 6.02 1.84 12.67
N ASN A 561 6.94 1.38 11.84
CA ASN A 561 8.34 1.30 12.22
C ASN A 561 9.18 2.21 11.36
N SER A 562 9.74 3.23 11.98
CA SER A 562 10.66 4.18 11.35
C SER A 562 12.06 4.10 11.96
N PHE A 563 12.35 3.05 12.71
CA PHE A 563 13.60 2.94 13.43
C PHE A 563 13.88 1.44 13.46
N ARG A 564 14.13 0.87 12.27
CA ARG A 564 14.19 -0.59 12.16
C ARG A 564 15.59 -1.09 12.52
N LEU A 565 15.63 -2.27 13.10
CA LEU A 565 16.90 -2.87 13.49
C LEU A 565 17.49 -3.66 12.33
N ASP A 566 18.72 -3.34 11.95
CA ASP A 566 19.46 -4.13 10.96
C ASP A 566 19.93 -5.40 11.67
N GLU A 567 19.26 -6.53 11.39
CA GLU A 567 19.48 -7.78 12.08
C GLU A 567 20.71 -8.54 11.62
N HIS A 568 21.53 -7.97 10.75
CA HIS A 568 22.74 -8.63 10.25
C HIS A 568 24.01 -7.91 10.66
N ALA A 569 23.94 -6.97 11.61
CA ALA A 569 25.16 -6.33 12.08
C ALA A 569 26.03 -7.34 12.82
N PRO A 570 27.35 -7.14 12.82
CA PRO A 570 28.21 -8.05 13.61
C PRO A 570 28.14 -7.84 15.10
N ARG A 571 27.86 -6.61 15.56
CA ARG A 571 27.90 -6.22 16.97
C ARG A 571 27.02 -5.00 17.16
N TYR A 572 26.34 -4.91 18.31
CA TYR A 572 25.49 -3.75 18.61
C TYR A 572 25.95 -3.01 19.86
N LEU A 573 25.82 -1.69 19.85
CA LEU A 573 25.88 -0.87 21.05
C LEU A 573 24.56 -0.12 21.20
N PHE A 574 23.81 -0.40 22.27
CA PHE A 574 22.49 0.18 22.48
C PHE A 574 22.59 1.22 23.59
N LEU A 575 22.20 2.46 23.29
CA LEU A 575 22.31 3.57 24.23
C LEU A 575 20.91 4.15 24.45
N ALA A 576 20.46 4.15 25.69
CA ALA A 576 19.15 4.69 26.07
C ALA A 576 19.33 5.83 27.06
N GLY A 577 18.84 7.02 26.73
CA GLY A 577 18.79 8.11 27.68
C GLY A 577 17.39 8.35 28.22
N GLY A 578 17.12 8.04 29.51
CA GLY A 578 15.79 8.33 30.07
C GLY A 578 14.70 7.47 29.40
N ILE A 579 13.60 8.12 29.03
CA ILE A 579 12.46 7.43 28.43
C ILE A 579 12.82 6.85 27.05
N GLY A 580 13.98 7.21 26.51
CA GLY A 580 14.50 6.59 25.30
C GLY A 580 14.78 5.11 25.41
N ILE A 581 14.66 4.55 26.61
CA ILE A 581 14.78 3.10 26.77
C ILE A 581 13.69 2.31 26.01
N THR A 582 12.55 2.93 25.67
CA THR A 582 11.42 2.12 25.20
C THR A 582 11.70 1.43 23.86
N PRO A 583 12.13 2.11 22.79
CA PRO A 583 12.48 1.32 21.58
C PRO A 583 13.76 0.57 21.75
N ILE A 584 14.69 1.10 22.52
CA ILE A 584 16.02 0.50 22.60
C ILE A 584 15.94 -0.86 23.28
N MET A 585 15.07 -1.03 24.27
CA MET A 585 15.02 -2.30 24.95
C MET A 585 14.49 -3.41 24.05
N THR A 586 13.57 -3.10 23.11
CA THR A 586 13.08 -4.12 22.18
C THR A 586 14.20 -4.53 21.24
N MET A 587 15.12 -3.60 20.92
CA MET A 587 16.23 -3.98 20.07
C MET A 587 17.24 -4.86 20.79
N ALA A 588 17.53 -4.53 22.05
CA ALA A 588 18.46 -5.34 22.81
C ALA A 588 17.91 -6.76 23.01
N ALA A 589 16.62 -6.87 23.32
CA ALA A 589 16.02 -8.19 23.42
C ALA A 589 16.17 -8.97 22.11
N ARG A 590 16.02 -8.30 20.97
CA ARG A 590 16.15 -8.99 19.67
C ARG A 590 17.59 -9.43 19.41
N ALA A 591 18.57 -8.57 19.71
CA ALA A 591 19.96 -8.96 19.58
C ALA A 591 20.25 -10.22 20.39
N LYS A 592 19.68 -10.32 21.60
CA LYS A 592 19.91 -11.51 22.42
C LYS A 592 19.38 -12.74 21.73
N GLU A 593 18.18 -12.63 21.14
CA GLU A 593 17.52 -13.77 20.53
C GLU A 593 18.25 -14.23 19.26
N LEU A 594 18.80 -13.29 18.50
CA LEU A 594 19.68 -13.58 17.38
C LEU A 594 21.04 -14.12 17.82
N GLY A 595 21.41 -13.96 19.09
CA GLY A 595 22.74 -14.35 19.50
C GLY A 595 23.86 -13.46 19.06
N THR A 596 23.60 -12.20 18.71
CA THR A 596 24.65 -11.25 18.35
C THR A 596 25.18 -10.54 19.59
N ASP A 597 26.47 -10.18 19.55
CA ASP A 597 27.10 -9.46 20.65
C ASP A 597 26.51 -8.04 20.80
N TYR A 598 26.23 -7.64 22.04
CA TYR A 598 25.64 -6.33 22.30
C TYR A 598 25.90 -5.90 23.74
N GLU A 599 25.86 -4.58 23.96
CA GLU A 599 25.80 -3.98 25.29
C GLU A 599 24.65 -3.00 25.35
N LEU A 600 23.98 -2.92 26.49
CA LEU A 600 22.86 -2.02 26.70
C LEU A 600 23.20 -1.06 27.82
N HIS A 601 23.30 0.24 27.49
CA HIS A 601 23.66 1.30 28.43
C HIS A 601 22.45 2.19 28.66
N TYR A 602 22.07 2.37 29.92
CA TYR A 602 20.80 3.01 30.25
C TYR A 602 21.11 4.10 31.28
N SER A 603 20.91 5.36 30.92
CA SER A 603 21.18 6.50 31.80
C SER A 603 19.89 7.21 32.19
N VAL A 604 19.74 7.52 33.48
CA VAL A 604 18.65 8.36 33.97
C VAL A 604 19.23 9.46 34.84
N ARG A 605 18.40 10.47 35.13
CA ARG A 605 18.79 11.47 36.11
C ARG A 605 18.47 11.02 37.54
N SER A 606 17.19 10.79 37.85
CA SER A 606 16.76 10.36 39.17
C SER A 606 16.57 8.86 39.21
N ARG A 607 16.87 8.26 40.35
CA ARG A 607 16.68 6.83 40.50
C ARG A 607 15.23 6.44 40.30
N THR A 608 14.29 7.32 40.67
CA THR A 608 12.88 7.01 40.52
C THR A 608 12.44 6.92 39.08
N SER A 609 13.20 7.51 38.15
CA SER A 609 12.87 7.45 36.73
C SER A 609 13.22 6.12 36.09
N LEU A 610 13.98 5.24 36.75
CA LEU A 610 14.26 3.94 36.17
C LEU A 610 12.93 3.19 35.94
N ILE A 611 12.79 2.56 34.79
CA ILE A 611 11.65 1.70 34.53
C ILE A 611 12.18 0.40 33.96
N PHE A 612 11.47 -0.69 34.26
CA PHE A 612 11.73 -2.01 33.70
C PHE A 612 13.10 -2.56 34.07
N VAL A 613 13.77 -1.98 35.07
CA VAL A 613 15.15 -2.39 35.36
C VAL A 613 15.18 -3.84 35.83
N ASP A 614 14.19 -4.28 36.61
CA ASP A 614 14.21 -5.68 37.05
C ASP A 614 14.05 -6.63 35.86
N GLU A 615 13.12 -6.33 34.97
CA GLU A 615 12.99 -7.08 33.72
C GLU A 615 14.28 -7.01 32.91
N LEU A 616 14.92 -5.84 32.83
CA LEU A 616 16.09 -5.73 31.97
C LEU A 616 17.27 -6.50 32.56
N ARG A 617 17.41 -6.52 33.89
CA ARG A 617 18.49 -7.29 34.49
C ARG A 617 18.27 -8.78 34.24
N GLN A 618 17.03 -9.25 34.39
CA GLN A 618 16.73 -10.66 34.16
C GLN A 618 17.08 -11.09 32.74
N ILE A 619 16.77 -10.25 31.76
CA ILE A 619 17.02 -10.61 30.37
C ILE A 619 18.50 -10.45 30.02
N HIS A 620 19.10 -9.32 30.40
CA HIS A 620 20.39 -8.96 29.83
C HIS A 620 21.57 -9.26 30.75
N GLY A 621 21.32 -9.52 32.03
CA GLY A 621 22.43 -9.85 32.95
C GLY A 621 23.54 -8.82 32.92
N ASP A 622 24.77 -9.29 32.77
CA ASP A 622 25.94 -8.41 32.79
C ASP A 622 26.13 -7.65 31.48
N ARG A 623 25.20 -7.74 30.53
CA ARG A 623 25.26 -6.84 29.38
C ARG A 623 24.52 -5.52 29.64
N LEU A 624 23.92 -5.36 30.82
CA LEU A 624 23.24 -4.13 31.20
C LEU A 624 24.13 -3.22 32.04
N HIS A 625 24.07 -1.91 31.77
CA HIS A 625 24.84 -0.89 32.47
C HIS A 625 23.87 0.24 32.78
N VAL A 626 23.74 0.63 34.06
CA VAL A 626 22.82 1.68 34.48
C VAL A 626 23.61 2.80 35.15
N TYR A 627 23.30 4.04 34.79
CA TYR A 627 24.01 5.23 35.26
C TYR A 627 23.00 6.22 35.79
N VAL A 628 23.06 6.51 37.09
CA VAL A 628 22.12 7.43 37.75
C VAL A 628 22.88 8.72 38.02
N SER A 629 22.53 9.79 37.30
CA SER A 629 23.34 11.00 37.41
C SER A 629 23.13 11.75 38.74
N GLU A 630 21.93 11.70 39.34
CA GLU A 630 21.77 12.36 40.64
C GLU A 630 22.67 11.74 41.71
N GLU A 631 23.13 10.51 41.52
CA GLU A 631 24.12 9.89 42.39
C GLU A 631 25.54 10.09 41.87
N GLY A 632 25.75 11.04 40.96
CA GLY A 632 27.07 11.36 40.48
C GLY A 632 27.66 10.46 39.40
N VAL A 633 26.87 9.58 38.79
CA VAL A 633 27.41 8.62 37.84
C VAL A 633 26.90 8.98 36.45
N ARG A 634 27.82 9.07 35.50
CA ARG A 634 27.47 9.33 34.11
C ARG A 634 28.25 8.39 33.22
N ASN A 635 27.71 8.15 32.02
CA ASN A 635 28.31 7.30 31.01
C ASN A 635 29.07 8.17 30.01
N ASP A 636 30.40 8.11 30.06
CA ASP A 636 31.30 8.90 29.22
C ASP A 636 31.24 8.40 27.79
N LEU A 637 30.53 9.11 26.92
CA LEU A 637 30.27 8.55 25.60
C LEU A 637 31.51 8.61 24.71
N ALA A 638 32.33 9.65 24.85
CA ALA A 638 33.53 9.72 24.04
C ALA A 638 34.42 8.52 24.32
N ALA A 639 34.56 8.16 25.59
CA ALA A 639 35.36 6.99 25.94
C ALA A 639 34.74 5.72 25.40
N LEU A 640 33.41 5.58 25.53
CA LEU A 640 32.78 4.31 25.13
C LEU A 640 32.85 4.12 23.61
N ILE A 641 32.78 5.21 22.85
CA ILE A 641 32.78 5.10 21.39
C ILE A 641 34.17 4.80 20.86
N ARG A 642 35.21 5.44 21.41
CA ARG A 642 36.54 5.14 20.91
C ARG A 642 36.94 3.69 21.17
N ARG A 643 36.32 3.02 22.14
CA ARG A 643 36.58 1.58 22.26
C ARG A 643 35.74 0.73 21.34
N ALA A 644 34.71 1.28 20.68
CA ALA A 644 33.91 0.48 19.77
C ALA A 644 34.74 0.05 18.55
N SER A 645 34.68 -1.23 18.21
CA SER A 645 35.42 -1.76 17.08
C SER A 645 34.67 -1.52 15.76
N ALA A 646 35.41 -1.64 14.65
CA ALA A 646 34.83 -1.47 13.32
C ALA A 646 33.76 -2.52 13.04
N GLY A 647 32.70 -2.10 12.34
CA GLY A 647 31.55 -2.94 12.13
C GLY A 647 30.42 -2.76 13.14
N THR A 648 30.71 -2.20 14.31
CA THR A 648 29.70 -2.03 15.34
C THR A 648 28.60 -1.10 14.86
N GLN A 649 27.34 -1.50 15.08
CA GLN A 649 26.21 -0.60 14.86
C GLN A 649 25.72 -0.06 16.22
N ILE A 650 25.71 1.26 16.35
CA ILE A 650 25.22 1.95 17.54
C ILE A 650 23.77 2.38 17.32
N TYR A 651 22.85 1.89 18.16
CA TYR A 651 21.47 2.38 18.17
C TYR A 651 21.24 3.20 19.44
N ALA A 652 20.74 4.42 19.29
CA ALA A 652 20.62 5.36 20.40
C ALA A 652 19.31 6.11 20.36
N CYS A 653 18.74 6.33 21.55
CA CYS A 653 17.53 7.13 21.73
C CYS A 653 17.64 7.88 23.04
N GLY A 654 17.46 9.18 22.99
CA GLY A 654 17.66 10.01 24.15
C GLY A 654 17.40 11.45 23.83
N PRO A 655 17.81 12.33 24.73
CA PRO A 655 17.66 13.78 24.50
C PRO A 655 18.49 14.24 23.34
N GLN A 656 18.11 15.41 22.80
CA GLN A 656 18.74 15.93 21.59
C GLN A 656 20.24 16.11 21.74
N ARG A 657 20.71 16.58 22.91
CA ARG A 657 22.16 16.82 23.07
C ARG A 657 22.94 15.53 23.08
N MET A 658 22.41 14.46 23.69
CA MET A 658 23.09 13.18 23.62
C MET A 658 23.21 12.69 22.17
N LEU A 659 22.16 12.84 21.39
CA LEU A 659 22.21 12.38 20.01
C LEU A 659 23.18 13.23 19.19
N ASP A 660 23.22 14.56 19.40
CA ASP A 660 24.21 15.39 18.72
C ASP A 660 25.63 14.91 18.99
N THR A 661 25.90 14.61 20.25
CA THR A 661 27.22 14.15 20.64
C THR A 661 27.61 12.89 19.91
N LEU A 662 26.72 11.91 19.90
CA LEU A 662 27.05 10.69 19.19
C LEU A 662 27.30 10.97 17.73
N GLU A 663 26.59 11.93 17.16
CA GLU A 663 26.78 12.11 15.74
C GLU A 663 28.05 12.93 15.46
N ARG A 664 28.52 13.71 16.43
CA ARG A 664 29.83 14.39 16.22
C ARG A 664 30.93 13.33 16.36
N LEU A 665 30.81 12.43 17.33
CA LEU A 665 31.82 11.39 17.50
C LEU A 665 31.86 10.48 16.29
N ILE A 666 30.71 10.15 15.71
CA ILE A 666 30.70 9.19 14.62
C ILE A 666 31.05 9.83 13.28
N GLU A 667 30.89 11.15 13.15
CA GLU A 667 31.24 11.83 11.92
C GLU A 667 32.74 11.77 11.69
N ASN A 668 33.47 11.14 12.60
CA ASN A 668 34.90 10.92 12.41
C ASN A 668 35.29 9.47 12.65
N ARG A 669 34.32 8.55 12.63
CA ARG A 669 34.60 7.12 12.71
C ARG A 669 33.78 6.41 11.64
N PRO A 670 34.20 6.49 10.38
CA PRO A 670 33.42 5.85 9.31
C PRO A 670 33.24 4.34 9.46
N GLU A 671 34.09 3.66 10.23
CA GLU A 671 34.00 2.22 10.34
C GLU A 671 32.92 1.75 11.32
N VAL A 672 32.27 2.67 12.03
CA VAL A 672 31.09 2.37 12.83
C VAL A 672 29.91 3.16 12.29
N THR A 673 28.71 2.63 12.45
CA THR A 673 27.52 3.32 11.99
C THR A 673 26.59 3.65 13.16
N LEU A 674 25.90 4.80 13.04
CA LEU A 674 25.00 5.36 14.03
C LEU A 674 23.55 5.41 13.50
N ARG A 675 22.59 4.97 14.31
CA ARG A 675 21.16 5.13 14.02
C ARG A 675 20.49 5.74 15.25
N VAL A 676 19.79 6.86 15.06
CA VAL A 676 19.22 7.54 16.21
C VAL A 676 17.72 7.68 15.99
N GLU A 677 17.00 7.80 17.10
CA GLU A 677 15.60 8.17 17.06
C GLU A 677 15.40 9.33 18.02
N HIS A 678 14.80 10.42 17.52
CA HIS A 678 14.55 11.63 18.27
C HIS A 678 13.15 11.58 18.85
N PHE A 679 13.03 11.77 20.17
CA PHE A 679 11.73 11.97 20.81
C PHE A 679 11.38 13.44 21.00
N PHE A 680 12.36 14.32 21.04
CA PHE A 680 12.15 15.70 21.48
C PHE A 680 12.46 16.70 20.38
N GLY A 681 12.16 16.35 19.14
CA GLY A 681 12.35 17.31 18.08
C GLY A 681 11.40 18.49 18.19
N GLU A 682 11.75 19.54 17.48
CA GLU A 682 10.86 20.69 17.50
C GLU A 682 9.86 20.58 16.34
N PRO A 683 8.56 20.71 16.59
CA PRO A 683 7.57 20.63 15.50
C PRO A 683 7.78 21.72 14.47
N SER A 684 7.59 21.37 13.20
CA SER A 684 7.68 22.31 12.11
C SER A 684 6.34 23.03 11.94
N HIS A 685 6.39 24.24 11.40
CA HIS A 685 5.17 25.01 11.13
C HIS A 685 5.45 25.95 9.97
N LEU A 686 4.74 25.75 8.84
CA LEU A 686 4.92 26.60 7.66
C LEU A 686 4.41 28.01 7.92
N ASP A 687 5.30 28.98 7.82
CA ASP A 687 4.94 30.40 7.89
C ASP A 687 5.14 30.98 6.49
N PRO A 688 4.07 31.13 5.69
CA PRO A 688 4.28 31.46 4.27
C PRO A 688 4.88 32.84 4.02
N ALA A 689 4.77 33.79 4.97
CA ALA A 689 5.48 35.06 4.85
C ALA A 689 7.01 34.89 4.79
N LYS A 690 7.56 33.79 5.29
CA LYS A 690 9.00 33.61 5.27
C LYS A 690 9.45 32.68 4.16
N GLU A 691 8.55 32.27 3.28
CA GLU A 691 8.89 31.20 2.35
C GLU A 691 8.76 31.68 0.91
N ARG A 692 9.26 30.86 -0.01
CA ARG A 692 9.27 31.11 -1.45
C ARG A 692 8.72 29.92 -2.21
N PRO A 693 8.13 30.15 -3.39
CA PRO A 693 7.74 29.03 -4.24
C PRO A 693 8.96 28.26 -4.70
N PHE A 694 8.76 26.99 -5.02
CA PHE A 694 9.81 26.23 -5.68
C PHE A 694 9.18 25.18 -6.58
N GLN A 695 10.01 24.58 -7.42
CA GLN A 695 9.57 23.65 -8.44
C GLN A 695 10.02 22.24 -8.11
N VAL A 696 9.13 21.27 -8.31
CA VAL A 696 9.44 19.87 -8.07
C VAL A 696 9.14 19.05 -9.33
N VAL A 697 10.12 18.28 -9.79
CA VAL A 697 9.97 17.37 -10.91
C VAL A 697 9.82 15.97 -10.36
N LEU A 698 8.69 15.32 -10.67
CA LEU A 698 8.49 13.92 -10.33
C LEU A 698 8.98 13.07 -11.51
N ARG A 699 10.15 12.45 -11.33
CA ARG A 699 10.83 11.82 -12.45
C ARG A 699 10.09 10.60 -12.96
N ASN A 700 9.58 9.76 -12.05
CA ASN A 700 8.92 8.52 -12.48
C ASN A 700 7.53 8.79 -13.04
N SER A 701 6.79 9.70 -12.44
CA SER A 701 5.46 10.04 -12.91
C SER A 701 5.46 10.93 -14.15
N GLY A 702 6.63 11.42 -14.59
CA GLY A 702 6.70 12.35 -15.71
C GLY A 702 5.86 13.62 -15.56
N LEU A 703 6.06 14.33 -14.45
CA LEU A 703 5.20 15.44 -14.08
C LEU A 703 6.06 16.49 -13.37
N THR A 704 5.76 17.77 -13.60
CA THR A 704 6.44 18.91 -12.98
C THR A 704 5.42 19.84 -12.33
N VAL A 705 5.58 20.09 -11.04
CA VAL A 705 4.60 20.85 -10.28
C VAL A 705 5.30 22.01 -9.58
N GLU A 706 4.52 23.02 -9.22
CA GLU A 706 5.05 24.15 -8.47
C GLU A 706 4.47 24.12 -7.07
N VAL A 707 5.32 24.34 -6.08
CA VAL A 707 4.92 24.41 -4.67
C VAL A 707 4.89 25.87 -4.22
N PRO A 708 3.74 26.51 -4.07
CA PRO A 708 3.73 27.93 -3.70
C PRO A 708 4.17 28.10 -2.26
N ALA A 709 4.34 29.38 -1.88
CA ALA A 709 4.90 29.68 -0.57
C ALA A 709 3.94 29.25 0.55
N ASP A 710 2.64 29.21 0.28
CA ASP A 710 1.68 28.86 1.33
C ASP A 710 1.23 27.38 1.30
N LYS A 711 1.93 26.49 0.60
CA LYS A 711 1.60 25.08 0.61
C LYS A 711 2.84 24.26 0.92
N THR A 712 2.64 23.16 1.62
CA THR A 712 3.74 22.21 1.76
C THR A 712 3.84 21.37 0.50
N LEU A 713 5.00 20.72 0.32
CA LEU A 713 5.17 19.80 -0.78
C LEU A 713 4.16 18.65 -0.69
N LEU A 714 3.89 18.18 0.52
CA LEU A 714 2.91 17.11 0.71
C LEU A 714 1.54 17.52 0.16
N GLU A 715 1.05 18.71 0.50
CA GLU A 715 -0.25 19.14 0.00
C GLU A 715 -0.30 19.21 -1.51
N VAL A 716 0.81 19.56 -2.16
CA VAL A 716 0.76 19.67 -3.62
C VAL A 716 0.81 18.28 -4.26
N LEU A 717 1.59 17.37 -3.68
CA LEU A 717 1.58 15.97 -4.14
C LEU A 717 0.17 15.37 -4.08
N ARG A 718 -0.52 15.49 -2.92
CA ARG A 718 -1.90 15.00 -2.81
C ARG A 718 -2.80 15.58 -3.91
N ALA A 719 -2.68 16.89 -4.17
CA ALA A 719 -3.57 17.56 -5.12
C ALA A 719 -3.35 17.07 -6.54
N TYR A 720 -2.15 16.55 -6.84
CA TYR A 720 -1.89 15.87 -8.09
C TYR A 720 -2.05 14.35 -7.98
N ASN A 721 -2.73 13.87 -6.94
CA ASN A 721 -3.03 12.46 -6.74
C ASN A 721 -1.78 11.60 -6.65
N ILE A 722 -0.63 12.20 -6.39
CA ILE A 722 0.54 11.40 -6.03
C ILE A 722 0.36 10.92 -4.60
N GLU A 723 0.51 9.61 -4.40
CA GLU A 723 0.18 8.95 -3.15
C GLU A 723 1.43 8.89 -2.29
N VAL A 724 1.42 9.63 -1.19
CA VAL A 724 2.50 9.68 -0.21
C VAL A 724 1.88 9.55 1.18
N GLN A 725 2.40 8.64 1.99
CA GLN A 725 1.86 8.47 3.33
C GLN A 725 2.37 9.57 4.27
N SER A 726 1.49 9.99 5.17
CA SER A 726 1.86 10.98 6.19
C SER A 726 1.19 10.62 7.51
N ASP A 727 1.79 11.09 8.61
CA ASP A 727 1.23 10.89 9.94
C ASP A 727 1.20 12.18 10.74
N CYS A 728 2.31 12.58 11.39
CA CYS A 728 2.23 13.77 12.23
C CYS A 728 2.05 15.04 11.42
N GLU A 729 2.51 15.05 10.18
CA GLU A 729 2.51 16.24 9.31
C GLU A 729 3.21 17.45 9.96
N GLU A 730 4.22 17.21 10.79
CA GLU A 730 4.94 18.36 11.33
C GLU A 730 6.41 18.02 11.59
N GLY A 731 7.00 17.16 10.77
CA GLY A 731 8.44 16.95 10.82
C GLY A 731 8.98 16.00 11.87
N LEU A 732 8.13 15.31 12.64
CA LEU A 732 8.64 14.55 13.78
C LEU A 732 8.72 13.04 13.57
N CYS A 733 7.82 12.45 12.78
CA CYS A 733 7.78 11.00 12.73
C CYS A 733 8.50 10.39 11.52
N GLY A 734 8.73 11.16 10.46
CA GLY A 734 9.40 10.64 9.27
C GLY A 734 8.58 9.78 8.35
N THR A 735 7.24 9.75 8.47
CA THR A 735 6.44 8.85 7.64
C THR A 735 6.40 9.30 6.17
N CYS A 736 6.49 10.61 5.93
CA CYS A 736 6.27 11.23 4.63
C CYS A 736 7.54 11.31 3.77
N GLU A 737 8.60 10.61 4.15
CA GLU A 737 9.88 10.72 3.48
C GLU A 737 9.77 10.39 1.98
N VAL A 738 10.40 11.22 1.16
CA VAL A 738 10.55 11.00 -0.27
C VAL A 738 12.04 11.06 -0.61
N SER A 739 12.38 10.58 -1.81
CA SER A 739 13.76 10.41 -2.24
C SER A 739 14.09 11.48 -3.28
N VAL A 740 15.04 12.35 -2.94
CA VAL A 740 15.50 13.43 -3.82
C VAL A 740 16.70 12.93 -4.60
N VAL A 741 16.69 13.18 -5.92
CA VAL A 741 17.82 12.79 -6.77
C VAL A 741 18.57 13.99 -7.34
N GLU A 742 17.99 15.19 -7.31
CA GLU A 742 18.73 16.37 -7.72
C GLU A 742 18.16 17.57 -6.99
N GLY A 743 19.02 18.55 -6.72
CA GLY A 743 18.64 19.77 -6.01
C GLY A 743 19.11 19.76 -4.56
N GLU A 744 18.89 20.88 -3.90
CA GLU A 744 19.35 21.01 -2.52
C GLU A 744 18.14 21.27 -1.65
N VAL A 745 18.00 20.46 -0.60
CA VAL A 745 16.84 20.50 0.27
C VAL A 745 17.04 21.51 1.39
N ASP A 746 16.01 22.29 1.69
CA ASP A 746 15.92 23.14 2.88
C ASP A 746 15.15 22.35 3.95
N HIS A 747 15.89 21.57 4.74
CA HIS A 747 15.27 20.61 5.66
C HIS A 747 14.63 21.30 6.86
N ARG A 748 13.42 20.86 7.18
CA ARG A 748 12.71 21.43 8.30
C ARG A 748 12.24 20.37 9.31
N ASP A 749 12.59 19.10 9.11
CA ASP A 749 12.13 18.03 9.99
C ASP A 749 13.06 17.88 11.20
N SER A 750 12.72 16.92 12.08
CA SER A 750 13.52 16.58 13.26
C SER A 750 14.00 15.13 13.23
N VAL A 751 13.93 14.48 12.08
CA VAL A 751 14.27 13.06 11.94
C VAL A 751 15.71 12.84 11.50
N LEU A 752 16.14 13.57 10.48
CA LEU A 752 17.42 13.31 9.83
C LEU A 752 18.58 13.80 10.69
N THR A 753 19.70 13.08 10.63
CA THR A 753 20.96 13.60 11.15
C THR A 753 21.52 14.65 10.20
N ARG A 754 22.58 15.31 10.63
CA ARG A 754 23.21 16.29 9.75
C ARG A 754 23.78 15.64 8.50
N ALA A 755 24.48 14.52 8.67
CA ALA A 755 25.05 13.85 7.50
C ALA A 755 23.95 13.50 6.51
N GLU A 756 22.79 13.04 7.01
CA GLU A 756 21.70 12.71 6.11
C GLU A 756 21.19 13.96 5.40
N ARG A 757 21.11 15.08 6.11
CA ARG A 757 20.68 16.33 5.50
C ARG A 757 21.60 16.75 4.36
N ARG A 758 22.92 16.63 4.57
CA ARG A 758 23.89 17.05 3.57
C ARG A 758 23.88 16.19 2.33
N GLU A 759 23.48 14.91 2.40
CA GLU A 759 23.40 14.08 1.21
C GLU A 759 22.39 14.59 0.20
N ASN A 760 21.38 15.35 0.64
CA ASN A 760 20.27 15.77 -0.23
C ASN A 760 19.66 14.57 -0.96
N ARG A 761 19.46 13.48 -0.23
CA ARG A 761 18.69 12.35 -0.71
C ARG A 761 17.33 12.23 0.00
N ARG A 762 17.33 11.94 1.30
CA ARG A 762 16.09 11.82 2.03
C ARG A 762 15.51 13.20 2.29
N MET A 763 14.18 13.29 2.31
CA MET A 763 13.46 14.54 2.50
C MET A 763 12.09 14.25 3.10
N MET A 764 11.70 14.97 4.16
CA MET A 764 10.33 14.84 4.67
C MET A 764 9.43 15.85 3.94
N CYS A 765 8.49 15.35 3.12
CA CYS A 765 7.79 16.32 2.30
C CYS A 765 6.68 17.04 3.05
N CYS A 766 6.32 16.60 4.26
CA CYS A 766 5.29 17.36 4.96
C CYS A 766 5.77 18.73 5.42
N CYS A 767 7.11 18.96 5.50
CA CYS A 767 7.59 20.24 6.02
C CYS A 767 8.78 20.87 5.27
N SER A 768 9.66 20.10 4.64
CA SER A 768 10.88 20.62 4.04
C SER A 768 10.62 21.30 2.70
N ARG A 769 11.52 22.21 2.32
CA ARG A 769 11.38 23.00 1.12
C ARG A 769 12.72 22.94 0.39
N ALA A 770 12.98 23.91 -0.47
CA ALA A 770 14.12 23.85 -1.38
C ALA A 770 15.03 25.06 -1.20
N LYS A 771 16.34 24.82 -1.29
CA LYS A 771 17.35 25.86 -1.44
C LYS A 771 17.57 26.20 -2.92
N THR A 772 17.65 25.20 -3.78
CA THR A 772 17.65 25.42 -5.22
C THR A 772 16.23 25.75 -5.67
N GLU A 773 16.13 26.30 -6.89
CA GLU A 773 14.83 26.66 -7.44
C GLU A 773 13.99 25.44 -7.78
N ARG A 774 14.61 24.30 -8.01
CA ARG A 774 13.90 23.09 -8.37
C ARG A 774 14.50 21.92 -7.62
N LEU A 775 13.64 20.91 -7.34
CA LEU A 775 14.06 19.61 -6.85
C LEU A 775 13.60 18.50 -7.81
N VAL A 776 14.36 17.42 -7.90
CA VAL A 776 13.95 16.27 -8.69
C VAL A 776 13.75 15.09 -7.75
N LEU A 777 12.51 14.61 -7.69
CA LEU A 777 12.10 13.49 -6.84
C LEU A 777 12.03 12.17 -7.61
N ASP A 778 12.39 11.10 -6.92
CA ASP A 778 12.15 9.74 -7.38
C ASP A 778 10.72 9.32 -6.97
N LEU A 779 9.75 9.98 -7.61
CA LEU A 779 8.33 9.70 -7.44
C LEU A 779 7.65 9.75 -8.79
#